data_1DZB
#
_entry.id   1DZB
#
_cell.length_a   38.710
_cell.length_b   112.440
_cell.length_c   80.000
_cell.angle_alpha   90.00
_cell.angle_beta   97.67
_cell.angle_gamma   90.00
#
_symmetry.space_group_name_H-M   'P 1 21 1'
#
loop_
_entity.id
_entity.type
_entity.pdbx_description
1 polymer 'SCFV FRAGMENT 1F9'
2 polymer 'TURKEY EGG-WHITE LYSOZYME C'
3 water water
#
loop_
_entity_poly.entity_id
_entity_poly.type
_entity_poly.pdbx_seq_one_letter_code
_entity_poly.pdbx_strand_id
1 'polypeptide(L)'
;QVKLQQSGAELVKPGASVKLSCTASGFNIKDTYMHWVKQRPEQGLEWIGRIDPANGNTKYDPKFQGKATITADTSSNTAY
LQLSSLTSEDTAVYYCARWDWYFDVWGQGTTVTVSSGGGGSGGGGSGGGGSDIELTQSPSSMYTSLGERVTITCKASQDI
NSYLRWFQQKPGKSPKTLIYYATSLADGVPSRFSGSGSGQDYSLTISSLESDDTTTYYCLQHGESPYTFGGGTKLEIKRA
AAEQKLISEEDLN
;
A,B
2 'polypeptide(L)'
;KVYGRCELAAAMKRLGLDNYRGYSLGNWVCAAKFESNFNTHATNRNTDGSTDYGILQINSRWWCNDGRTPGSKNLCNIPC
SALLSSDITASVNCAKKIASGGNGMNAWVAWRNRCKGTDVHAWIRGCRL
;
X,Y
#
# COMPACT_ATOMS: atom_id res chain seq x y z
N GLN A 1 10.45 -23.98 27.75
CA GLN A 1 11.52 -23.55 26.80
C GLN A 1 11.06 -23.70 25.36
N VAL A 2 9.75 -23.57 25.13
CA VAL A 2 9.20 -23.67 23.74
C VAL A 2 9.48 -22.35 23.04
N LYS A 3 10.12 -22.28 21.87
CA LYS A 3 10.46 -20.92 21.35
C LYS A 3 10.79 -20.76 19.89
N LEU A 4 10.68 -19.53 19.43
CA LEU A 4 11.00 -19.18 17.98
C LEU A 4 12.03 -18.04 18.04
N GLN A 5 13.26 -18.30 17.71
CA GLN A 5 14.34 -17.27 17.74
C GLN A 5 14.48 -16.68 16.33
N GLN A 6 14.20 -15.42 16.16
CA GLN A 6 14.20 -14.68 14.94
C GLN A 6 15.62 -14.09 14.74
N SER A 7 16.05 -14.24 13.50
CA SER A 7 17.47 -14.00 13.27
C SER A 7 17.73 -12.78 12.48
N GLY A 8 18.15 -11.68 13.16
CA GLY A 8 18.58 -10.48 12.62
C GLY A 8 18.22 -9.10 12.33
N ALA A 9 18.26 -8.02 13.15
CA ALA A 9 17.82 -6.68 12.70
C ALA A 9 18.65 -6.23 11.49
N GLU A 10 18.03 -5.58 10.52
CA GLU A 10 18.68 -5.19 9.30
C GLU A 10 18.35 -3.77 8.84
N LEU A 11 19.33 -3.16 8.17
CA LEU A 11 19.21 -1.84 7.55
C LEU A 11 19.64 -1.99 6.08
N VAL A 12 18.78 -1.65 5.15
CA VAL A 12 19.04 -1.81 3.70
C VAL A 12 18.57 -0.64 2.88
N LYS A 13 19.11 -0.47 1.66
CA LYS A 13 18.70 0.68 0.80
C LYS A 13 17.45 0.35 0.01
N PRO A 14 16.68 1.31 -0.44
CA PRO A 14 15.50 1.04 -1.25
C PRO A 14 15.86 0.11 -2.39
N GLY A 15 15.00 -0.90 -2.70
CA GLY A 15 15.41 -1.75 -3.85
C GLY A 15 16.23 -2.95 -3.47
N ALA A 16 16.71 -3.06 -2.26
CA ALA A 16 17.48 -4.26 -1.86
C ALA A 16 16.55 -5.41 -1.44
N SER A 17 17.09 -6.57 -1.16
CA SER A 17 16.42 -7.73 -0.70
C SER A 17 16.89 -8.15 0.67
N VAL A 18 16.09 -8.79 1.46
CA VAL A 18 16.53 -9.25 2.80
C VAL A 18 15.86 -10.63 2.97
N LYS A 19 16.50 -11.53 3.64
CA LYS A 19 15.90 -12.85 3.92
C LYS A 19 16.03 -13.09 5.40
N LEU A 20 14.92 -13.23 6.07
CA LEU A 20 15.03 -13.37 7.58
C LEU A 20 14.85 -14.79 7.97
N SER A 21 15.23 -15.13 9.22
CA SER A 21 15.01 -16.49 9.58
C SER A 21 14.37 -16.55 10.95
N CYS A 22 13.82 -17.74 11.20
CA CYS A 22 13.09 -18.07 12.41
C CYS A 22 13.32 -19.53 12.74
N THR A 23 14.24 -19.86 13.62
CA THR A 23 14.57 -21.23 14.02
C THR A 23 13.76 -21.63 15.25
N ALA A 24 13.19 -22.82 15.32
CA ALA A 24 12.38 -23.12 16.51
C ALA A 24 13.06 -24.10 17.47
N SER A 25 12.59 -24.17 18.70
CA SER A 25 13.13 -25.16 19.66
C SER A 25 11.98 -25.58 20.55
N GLY A 26 11.95 -26.86 20.85
CA GLY A 26 10.90 -27.46 21.67
C GLY A 26 9.87 -28.26 20.83
N PHE A 27 9.90 -28.10 19.53
CA PHE A 27 8.90 -28.75 18.64
C PHE A 27 9.44 -28.80 17.22
N ASN A 28 9.12 -29.70 16.33
CA ASN A 28 9.62 -29.67 14.97
C ASN A 28 8.68 -28.87 14.08
N ILE A 29 9.28 -27.91 13.27
CA ILE A 29 8.41 -27.13 12.40
C ILE A 29 7.70 -28.02 11.39
N LYS A 30 8.26 -29.13 10.94
CA LYS A 30 7.58 -30.01 10.00
C LYS A 30 6.20 -30.45 10.47
N ASP A 31 5.97 -30.45 11.78
CA ASP A 31 4.77 -30.76 12.43
C ASP A 31 3.80 -29.60 12.58
N THR A 32 3.95 -28.49 11.85
CA THR A 32 3.16 -27.30 12.10
C THR A 32 2.87 -26.51 10.87
N TYR A 33 2.14 -25.43 10.99
CA TYR A 33 2.12 -24.43 9.93
C TYR A 33 3.04 -23.30 10.58
N MET A 34 3.85 -22.64 9.81
CA MET A 34 4.65 -21.53 10.26
C MET A 34 4.09 -20.27 9.57
N HIS A 35 3.57 -19.33 10.33
CA HIS A 35 3.01 -18.11 9.85
C HIS A 35 3.95 -16.90 9.94
N TRP A 36 3.86 -15.94 9.01
CA TRP A 36 4.64 -14.72 9.12
C TRP A 36 3.71 -13.49 9.19
N VAL A 37 3.97 -12.54 10.09
CA VAL A 37 3.21 -11.34 10.29
C VAL A 37 4.08 -10.03 10.19
N LYS A 38 3.48 -9.02 9.63
CA LYS A 38 4.16 -7.74 9.43
C LYS A 38 3.55 -6.67 10.35
N GLN A 39 4.32 -5.76 10.89
CA GLN A 39 3.81 -4.68 11.73
C GLN A 39 4.67 -3.41 11.54
N ARG A 40 4.08 -2.44 10.88
CA ARG A 40 4.72 -1.15 10.60
C ARG A 40 4.82 -0.30 11.87
N PRO A 41 5.80 0.58 11.95
CA PRO A 41 6.11 1.36 13.12
C PRO A 41 5.02 1.86 13.99
N GLU A 42 3.93 2.52 13.61
CA GLU A 42 2.94 2.81 14.70
C GLU A 42 1.63 2.22 14.20
N GLN A 43 1.78 1.19 13.36
CA GLN A 43 0.65 0.54 12.74
C GLN A 43 0.29 -0.84 13.27
N GLY A 44 -0.66 -1.46 12.52
CA GLY A 44 -1.22 -2.73 12.96
C GLY A 44 -0.64 -3.99 12.36
N LEU A 45 -1.11 -5.15 12.87
CA LEU A 45 -0.67 -6.45 12.39
C LEU A 45 -1.18 -6.73 11.01
N GLU A 46 -0.39 -7.46 10.20
CA GLU A 46 -0.82 -7.89 8.86
C GLU A 46 -0.34 -9.33 8.64
N TRP A 47 -1.24 -10.23 8.23
CA TRP A 47 -0.86 -11.61 7.96
C TRP A 47 -0.25 -11.60 6.55
N ILE A 48 0.96 -12.16 6.44
CA ILE A 48 1.65 -12.23 5.19
C ILE A 48 1.30 -13.56 4.50
N GLY A 49 1.64 -14.66 5.17
CA GLY A 49 1.36 -15.98 4.69
C GLY A 49 1.79 -17.06 5.71
N ARG A 50 1.62 -18.31 5.28
CA ARG A 50 2.06 -19.40 6.12
C ARG A 50 2.75 -20.38 5.17
N ILE A 51 3.50 -21.27 5.74
CA ILE A 51 4.10 -22.34 4.97
C ILE A 51 3.84 -23.64 5.76
N ASP A 52 3.66 -24.71 4.99
CA ASP A 52 3.57 -26.02 5.73
C ASP A 52 4.93 -26.64 5.41
N PRO A 53 5.87 -26.64 6.35
CA PRO A 53 7.20 -27.14 6.09
C PRO A 53 7.33 -28.58 5.74
N ALA A 54 6.36 -29.46 6.04
CA ALA A 54 6.48 -30.86 5.72
C ALA A 54 6.44 -31.03 4.19
N ASN A 55 5.65 -30.24 3.49
CA ASN A 55 5.57 -30.41 2.03
C ASN A 55 5.90 -29.15 1.25
N GLY A 56 6.17 -28.04 1.93
CA GLY A 56 6.54 -26.79 1.34
C GLY A 56 5.45 -25.93 0.78
N ASN A 57 4.19 -26.35 0.83
CA ASN A 57 3.05 -25.62 0.34
C ASN A 57 2.90 -24.31 1.10
N THR A 58 2.57 -23.27 0.39
CA THR A 58 2.46 -21.95 1.07
C THR A 58 1.16 -21.28 0.74
N LYS A 59 0.71 -20.36 1.57
CA LYS A 59 -0.50 -19.63 1.25
C LYS A 59 -0.24 -18.16 1.63
N TYR A 60 -0.63 -17.25 0.72
CA TYR A 60 -0.38 -15.86 1.00
C TYR A 60 -1.60 -14.95 0.95
N ASP A 61 -1.39 -13.74 1.51
CA ASP A 61 -2.36 -12.67 1.32
C ASP A 61 -1.84 -12.21 -0.06
N PRO A 62 -2.69 -12.33 -1.09
CA PRO A 62 -2.30 -11.96 -2.43
C PRO A 62 -1.56 -10.68 -2.55
N LYS A 63 -1.67 -9.63 -1.76
CA LYS A 63 -0.94 -8.42 -1.79
C LYS A 63 0.57 -8.57 -1.51
N PHE A 64 0.98 -9.61 -0.82
CA PHE A 64 2.36 -9.89 -0.54
C PHE A 64 3.00 -10.84 -1.53
N GLN A 65 2.21 -11.55 -2.31
CA GLN A 65 2.77 -12.54 -3.26
C GLN A 65 3.57 -11.74 -4.32
N GLY A 66 4.83 -12.07 -4.51
CA GLY A 66 5.67 -11.41 -5.45
C GLY A 66 6.71 -10.50 -4.74
N LYS A 67 6.38 -10.08 -3.52
CA LYS A 67 7.25 -9.27 -2.70
C LYS A 67 7.80 -10.12 -1.54
N ALA A 68 6.97 -10.96 -0.95
CA ALA A 68 7.48 -11.76 0.20
C ALA A 68 7.34 -13.23 -0.06
N THR A 69 8.47 -13.95 0.16
CA THR A 69 8.44 -15.40 -0.09
C THR A 69 8.83 -16.17 1.16
N ILE A 70 7.90 -17.07 1.55
CA ILE A 70 8.15 -17.92 2.73
C ILE A 70 8.78 -19.25 2.26
N THR A 71 9.77 -19.64 3.02
CA THR A 71 10.54 -20.90 2.68
C THR A 71 10.80 -21.63 3.94
N ALA A 72 11.09 -22.91 3.99
CA ALA A 72 11.33 -23.61 5.26
C ALA A 72 12.33 -24.75 5.03
N ASP A 73 13.11 -24.98 6.05
CA ASP A 73 14.11 -26.06 5.98
C ASP A 73 13.91 -26.89 7.24
N THR A 74 13.37 -28.12 7.07
CA THR A 74 13.11 -28.92 8.27
C THR A 74 14.33 -29.46 8.94
N SER A 75 15.46 -29.72 8.27
CA SER A 75 16.60 -30.32 9.01
C SER A 75 17.17 -29.33 10.01
N SER A 76 17.12 -28.03 9.69
CA SER A 76 17.56 -26.95 10.48
C SER A 76 16.48 -26.36 11.36
N ASN A 77 15.24 -26.93 11.21
CA ASN A 77 14.12 -26.43 11.97
C ASN A 77 13.89 -24.96 11.73
N THR A 78 14.17 -24.45 10.54
CA THR A 78 14.09 -23.03 10.29
C THR A 78 13.16 -22.63 9.14
N ALA A 79 12.34 -21.62 9.39
CA ALA A 79 11.43 -21.08 8.38
C ALA A 79 12.05 -19.69 7.98
N TYR A 80 11.87 -19.28 6.74
CA TYR A 80 12.46 -18.00 6.30
C TYR A 80 11.46 -17.06 5.63
N LEU A 81 11.83 -15.76 5.56
CA LEU A 81 11.05 -14.81 4.88
C LEU A 81 11.92 -13.94 3.96
N GLN A 82 11.72 -14.08 2.68
CA GLN A 82 12.47 -13.29 1.70
C GLN A 82 11.61 -12.14 1.17
N LEU A 83 12.15 -10.93 1.31
CA LEU A 83 11.53 -9.70 0.89
C LEU A 83 12.39 -9.04 -0.20
N SER A 84 11.77 -8.64 -1.25
CA SER A 84 12.28 -8.12 -2.46
C SER A 84 11.99 -6.67 -2.75
N SER A 85 12.83 -5.97 -3.51
CA SER A 85 12.58 -4.61 -3.94
C SER A 85 12.06 -3.73 -2.82
N LEU A 86 12.80 -3.70 -1.70
CA LEU A 86 12.34 -3.03 -0.47
C LEU A 86 12.07 -1.56 -0.60
N THR A 87 10.92 -1.10 -0.03
CA THR A 87 10.59 0.31 -0.07
C THR A 87 10.29 0.85 1.31
N SER A 88 9.99 2.14 1.38
CA SER A 88 9.66 2.84 2.59
C SER A 88 8.53 2.16 3.35
N GLU A 89 7.51 1.66 2.67
CA GLU A 89 6.42 0.93 3.22
C GLU A 89 6.71 -0.45 3.80
N ASP A 90 7.95 -0.96 3.57
CA ASP A 90 8.40 -2.22 4.10
C ASP A 90 9.16 -2.06 5.44
N THR A 91 9.44 -0.85 5.84
CA THR A 91 10.14 -0.66 7.13
C THR A 91 9.20 -1.21 8.18
N ALA A 92 9.49 -2.29 8.84
CA ALA A 92 8.56 -2.89 9.81
C ALA A 92 9.27 -3.89 10.69
N VAL A 93 8.48 -4.43 11.61
CA VAL A 93 8.91 -5.52 12.45
C VAL A 93 8.20 -6.76 11.81
N TYR A 94 8.91 -7.81 11.52
CA TYR A 94 8.36 -9.02 11.00
C TYR A 94 8.42 -10.23 11.94
N TYR A 95 7.22 -10.71 12.38
CA TYR A 95 7.25 -11.88 13.25
C TYR A 95 6.94 -13.21 12.54
N CYS A 96 7.50 -14.28 13.06
CA CYS A 96 7.10 -15.64 12.67
C CYS A 96 6.27 -16.13 13.86
N ALA A 97 5.35 -17.06 13.67
CA ALA A 97 4.52 -17.57 14.72
C ALA A 97 3.97 -18.96 14.36
N ARG A 98 3.62 -19.69 15.41
CA ARG A 98 2.99 -20.99 15.34
C ARG A 98 1.62 -20.79 15.97
N TRP A 99 0.52 -20.90 15.24
CA TRP A 99 -0.77 -20.73 15.83
C TRP A 99 -1.46 -22.15 15.93
N ASP A 100 -1.84 -22.38 17.15
CA ASP A 100 -2.54 -23.68 17.39
C ASP A 100 -3.31 -23.48 18.68
N TRP A 101 -4.55 -24.01 18.70
CA TRP A 101 -5.36 -23.89 19.91
C TRP A 101 -4.51 -24.05 21.15
N TYR A 102 -4.52 -23.05 22.08
CA TYR A 102 -3.79 -23.02 23.31
C TYR A 102 -2.31 -23.29 23.22
N PHE A 103 -1.68 -23.08 22.08
CA PHE A 103 -0.26 -23.35 21.84
C PHE A 103 0.35 -22.25 20.94
N ASP A 104 -0.29 -21.08 20.87
CA ASP A 104 0.29 -19.98 20.11
C ASP A 104 1.64 -19.61 20.70
N VAL A 105 2.64 -19.34 19.87
CA VAL A 105 3.95 -18.88 20.28
C VAL A 105 4.42 -17.94 19.09
N TRP A 106 5.08 -16.87 19.41
CA TRP A 106 5.56 -15.93 18.36
C TRP A 106 7.03 -15.75 18.53
N GLY A 107 7.76 -15.34 17.51
CA GLY A 107 9.21 -15.04 17.68
C GLY A 107 9.31 -13.65 18.36
N GLN A 108 10.50 -13.14 18.67
CA GLN A 108 10.60 -11.83 19.35
C GLN A 108 10.39 -10.70 18.37
N GLY A 109 10.44 -11.02 17.08
CA GLY A 109 10.29 -10.10 15.99
C GLY A 109 11.62 -9.70 15.37
N THR A 110 11.59 -9.20 14.11
CA THR A 110 12.80 -8.65 13.54
C THR A 110 12.50 -7.46 12.62
N THR A 111 13.12 -6.36 13.08
CA THR A 111 13.06 -5.04 12.54
C THR A 111 13.82 -4.99 11.22
N VAL A 112 13.11 -4.51 10.20
CA VAL A 112 13.76 -4.28 8.91
C VAL A 112 13.54 -2.77 8.64
N THR A 113 14.65 -2.06 8.47
CA THR A 113 14.58 -0.62 8.24
C THR A 113 15.14 -0.30 6.86
N VAL A 114 14.28 0.34 6.09
CA VAL A 114 14.67 0.67 4.69
C VAL A 114 15.12 2.11 4.70
N SER A 115 16.42 2.43 4.53
CA SER A 115 16.83 3.81 4.62
C SER A 115 17.56 4.38 3.42
N SER A 116 17.09 5.54 3.01
CA SER A 116 17.57 6.37 1.93
C SER A 116 18.41 7.54 2.45
N GLY A 117 19.62 7.66 2.19
N ASP A 132 -11.99 -11.26 0.83
CA ASP A 132 -11.24 -10.60 1.88
C ASP A 132 -12.11 -9.99 3.02
N ILE A 133 -11.99 -10.72 4.14
CA ILE A 133 -12.71 -10.37 5.32
C ILE A 133 -12.07 -9.19 6.05
N GLU A 134 -12.94 -8.26 6.36
CA GLU A 134 -12.74 -7.00 7.00
C GLU A 134 -13.01 -7.02 8.48
N LEU A 135 -12.02 -6.73 9.32
CA LEU A 135 -12.23 -6.68 10.77
C LEU A 135 -12.19 -5.23 11.25
N THR A 136 -13.30 -4.77 11.85
CA THR A 136 -13.37 -3.39 12.34
C THR A 136 -13.32 -3.33 13.85
N GLN A 137 -12.30 -2.65 14.36
CA GLN A 137 -12.12 -2.49 15.79
C GLN A 137 -12.56 -1.11 16.30
N SER A 138 -13.37 -1.12 17.32
CA SER A 138 -13.78 0.16 17.91
C SER A 138 -13.41 0.20 19.34
N PRO A 139 -13.21 1.36 19.86
CA PRO A 139 -12.42 2.46 19.62
C PRO A 139 -10.98 2.22 19.13
N SER A 140 -10.47 3.16 18.32
CA SER A 140 -9.10 3.06 17.81
C SER A 140 -8.08 3.26 18.94
N SER A 141 -8.43 4.15 19.85
CA SER A 141 -7.63 4.47 21.03
C SER A 141 -8.55 4.95 22.16
N MET A 142 -8.23 4.69 23.43
CA MET A 142 -9.10 5.11 24.52
C MET A 142 -8.36 5.32 25.85
N TYR A 143 -8.89 6.23 26.69
CA TYR A 143 -8.34 6.46 28.02
C TYR A 143 -9.30 5.79 29.02
N THR A 144 -8.72 5.02 29.91
CA THR A 144 -9.56 4.30 30.87
C THR A 144 -9.01 4.52 32.27
N SER A 145 -9.83 4.17 33.25
CA SER A 145 -9.43 4.38 34.63
C SER A 145 -9.34 3.14 35.46
N LEU A 146 -8.35 3.12 36.30
CA LEU A 146 -7.84 2.37 37.36
C LEU A 146 -8.64 1.22 37.92
N GLY A 147 -9.90 1.01 37.62
CA GLY A 147 -10.79 -0.03 38.02
C GLY A 147 -12.09 -0.09 37.20
N GLU A 148 -12.13 0.60 36.08
CA GLU A 148 -13.26 0.72 35.17
C GLU A 148 -13.61 -0.52 34.38
N ARG A 149 -14.81 -0.56 33.79
CA ARG A 149 -15.23 -1.71 32.98
C ARG A 149 -14.99 -1.35 31.51
N VAL A 150 -14.12 -2.12 30.85
CA VAL A 150 -13.81 -1.82 29.46
C VAL A 150 -14.36 -2.91 28.51
N THR A 151 -14.98 -2.45 27.43
CA THR A 151 -15.46 -3.35 26.38
C THR A 151 -15.01 -2.80 25.02
N ILE A 152 -14.20 -3.59 24.31
CA ILE A 152 -13.72 -3.30 22.97
C ILE A 152 -14.50 -4.19 22.01
N THR A 153 -14.74 -3.80 20.77
CA THR A 153 -15.49 -4.64 19.86
C THR A 153 -14.74 -4.96 18.58
N CYS A 154 -15.22 -6.03 17.92
CA CYS A 154 -14.63 -6.45 16.65
C CYS A 154 -15.76 -6.92 15.73
N LYS A 155 -15.94 -6.22 14.62
CA LYS A 155 -16.98 -6.54 13.64
C LYS A 155 -16.44 -6.96 12.29
N ALA A 156 -16.92 -8.10 11.81
CA ALA A 156 -16.54 -8.67 10.54
C ALA A 156 -17.65 -8.81 9.51
N SER A 157 -17.36 -9.57 8.44
CA SER A 157 -18.27 -9.86 7.33
C SER A 157 -18.58 -11.34 7.17
N GLN A 158 -18.88 -12.01 8.23
CA GLN A 158 -19.25 -13.29 8.59
C GLN A 158 -18.10 -14.26 8.89
N ASP A 159 -17.50 -14.06 10.06
CA ASP A 159 -16.42 -14.86 10.57
C ASP A 159 -16.64 -16.34 10.69
N ILE A 160 -17.63 -17.02 10.34
CA ILE A 160 -18.04 -18.39 10.48
C ILE A 160 -18.16 -18.53 12.01
N ASN A 161 -18.30 -19.72 12.55
CA ASN A 161 -18.60 -19.64 13.99
C ASN A 161 -17.25 -19.38 14.64
N SER A 162 -17.20 -18.17 15.27
CA SER A 162 -16.18 -17.84 16.16
C SER A 162 -14.75 -18.17 15.95
N TYR A 163 -14.22 -18.09 14.75
CA TYR A 163 -12.76 -18.29 14.59
C TYR A 163 -12.07 -16.96 14.75
N LEU A 164 -12.00 -16.51 16.02
CA LEU A 164 -11.42 -15.23 16.34
C LEU A 164 -10.57 -15.27 17.59
N ARG A 165 -9.36 -14.78 17.44
CA ARG A 165 -8.43 -14.69 18.54
C ARG A 165 -8.34 -13.26 19.09
N TRP A 166 -8.13 -13.13 20.41
CA TRP A 166 -7.85 -11.78 20.93
C TRP A 166 -6.35 -11.80 21.32
N PHE A 167 -5.57 -10.86 20.89
CA PHE A 167 -4.17 -10.71 21.23
C PHE A 167 -4.01 -9.39 22.03
N GLN A 168 -3.06 -9.37 22.94
CA GLN A 168 -2.65 -8.18 23.67
C GLN A 168 -1.17 -7.92 23.43
N GLN A 169 -0.80 -6.76 22.94
CA GLN A 169 0.51 -6.34 22.65
C GLN A 169 0.95 -5.10 23.47
N LYS A 170 2.07 -5.21 24.16
CA LYS A 170 2.58 -4.10 24.93
C LYS A 170 3.71 -3.51 24.06
N PRO A 171 3.99 -2.24 24.28
CA PRO A 171 5.07 -1.59 23.57
C PRO A 171 6.34 -2.44 23.68
N GLY A 172 6.97 -2.73 22.55
CA GLY A 172 8.12 -3.52 22.44
C GLY A 172 8.03 -5.01 22.62
N LYS A 173 6.82 -5.60 22.78
CA LYS A 173 6.78 -7.06 22.97
C LYS A 173 5.97 -7.74 21.86
N SER A 174 6.17 -9.05 21.67
CA SER A 174 5.30 -9.77 20.73
C SER A 174 3.90 -9.89 21.41
N PRO A 175 2.89 -9.99 20.58
CA PRO A 175 1.53 -10.12 21.10
C PRO A 175 1.30 -11.43 21.84
N LYS A 176 0.47 -11.40 22.87
CA LYS A 176 0.20 -12.61 23.64
C LYS A 176 -1.23 -13.02 23.34
N THR A 177 -1.59 -14.24 23.30
CA THR A 177 -3.01 -14.59 23.08
C THR A 177 -3.79 -14.59 24.38
N LEU A 178 -4.92 -13.92 24.44
CA LEU A 178 -5.75 -13.87 25.61
C LEU A 178 -7.00 -14.78 25.49
N ILE A 179 -7.58 -14.76 24.27
CA ILE A 179 -8.77 -15.51 24.00
C ILE A 179 -8.69 -16.36 22.70
N TYR A 180 -9.21 -17.60 22.81
CA TYR A 180 -9.28 -18.49 21.71
C TYR A 180 -10.76 -18.82 21.42
N TYR A 181 -11.08 -19.02 20.16
CA TYR A 181 -12.40 -19.41 19.74
C TYR A 181 -13.45 -18.43 20.28
N ALA A 182 -13.11 -17.17 20.23
CA ALA A 182 -13.93 -16.09 20.67
C ALA A 182 -14.25 -15.93 22.13
N THR A 183 -14.44 -16.93 22.94
CA THR A 183 -14.86 -16.77 24.32
C THR A 183 -14.07 -17.56 25.31
N SER A 184 -13.04 -18.33 24.92
CA SER A 184 -12.31 -19.17 25.86
C SER A 184 -10.98 -18.48 26.22
N LEU A 185 -10.73 -18.41 27.53
CA LEU A 185 -9.56 -17.76 28.04
C LEU A 185 -8.32 -18.60 27.86
N ALA A 186 -7.24 -17.95 27.48
CA ALA A 186 -5.96 -18.62 27.27
C ALA A 186 -5.45 -19.14 28.61
N ASP A 187 -4.48 -20.04 28.60
CA ASP A 187 -4.01 -20.51 29.92
C ASP A 187 -3.19 -19.47 30.64
N GLY A 188 -3.61 -19.20 31.89
CA GLY A 188 -2.90 -18.24 32.72
C GLY A 188 -3.44 -16.85 32.70
N VAL A 189 -4.43 -16.58 31.84
CA VAL A 189 -5.01 -15.25 31.75
C VAL A 189 -5.97 -14.98 32.91
N PRO A 190 -5.82 -13.82 33.53
CA PRO A 190 -6.65 -13.42 34.64
C PRO A 190 -8.14 -13.50 34.36
N SER A 191 -8.92 -13.80 35.39
CA SER A 191 -10.35 -13.91 35.39
C SER A 191 -11.12 -12.71 34.84
N ARG A 192 -10.59 -11.53 35.03
CA ARG A 192 -11.02 -10.24 34.65
C ARG A 192 -11.34 -10.03 33.18
N PHE A 193 -10.66 -10.76 32.32
CA PHE A 193 -10.85 -10.72 30.88
C PHE A 193 -11.93 -11.71 30.44
N SER A 194 -12.64 -11.37 29.37
CA SER A 194 -13.67 -12.29 28.86
C SER A 194 -14.02 -11.89 27.44
N GLY A 195 -14.49 -12.88 26.67
CA GLY A 195 -14.86 -12.60 25.28
C GLY A 195 -16.28 -13.08 25.00
N SER A 196 -16.98 -12.43 24.08
CA SER A 196 -18.30 -12.78 23.69
C SER A 196 -18.61 -12.55 22.21
N GLY A 197 -19.69 -13.18 21.80
CA GLY A 197 -20.23 -13.09 20.47
C GLY A 197 -20.00 -14.36 19.68
N SER A 198 -20.63 -14.42 18.55
CA SER A 198 -20.60 -15.47 17.56
C SER A 198 -21.04 -14.79 16.25
N GLY A 199 -20.88 -15.41 15.08
CA GLY A 199 -21.41 -14.72 13.89
C GLY A 199 -20.42 -13.67 13.44
N GLN A 200 -20.84 -12.42 13.32
CA GLN A 200 -19.99 -11.35 12.87
C GLN A 200 -19.60 -10.37 13.97
N ASP A 201 -20.23 -10.40 15.12
CA ASP A 201 -20.06 -9.41 16.16
C ASP A 201 -19.47 -9.88 17.45
N TYR A 202 -18.23 -9.41 17.77
CA TYR A 202 -17.47 -9.90 18.89
C TYR A 202 -16.95 -8.78 19.80
N SER A 203 -16.73 -9.15 21.05
CA SER A 203 -16.26 -8.16 22.01
C SER A 203 -15.31 -8.78 23.01
N LEU A 204 -14.51 -7.92 23.60
CA LEU A 204 -13.51 -8.29 24.62
C LEU A 204 -13.86 -7.35 25.81
N THR A 205 -14.08 -7.94 26.96
CA THR A 205 -14.39 -7.08 28.10
C THR A 205 -13.36 -7.33 29.21
N ILE A 206 -12.95 -6.26 29.85
CA ILE A 206 -12.07 -6.35 31.02
C ILE A 206 -12.97 -5.78 32.10
N SER A 207 -13.25 -6.54 33.15
CA SER A 207 -14.12 -5.91 34.20
C SER A 207 -13.25 -4.89 34.88
N SER A 208 -12.81 -4.93 36.13
CA SER A 208 -11.95 -3.86 36.66
C SER A 208 -10.63 -3.71 35.92
N LEU A 209 -10.44 -2.73 35.05
CA LEU A 209 -9.17 -2.53 34.37
C LEU A 209 -8.02 -2.53 35.39
N GLU A 210 -7.07 -3.44 35.27
CA GLU A 210 -5.91 -3.50 36.16
C GLU A 210 -4.83 -2.65 35.48
N SER A 211 -3.78 -2.29 36.19
CA SER A 211 -2.73 -1.46 35.59
C SER A 211 -1.86 -2.18 34.60
N ASP A 212 -1.90 -3.49 34.56
CA ASP A 212 -1.11 -4.37 33.66
C ASP A 212 -1.73 -4.45 32.26
N ASP A 213 -2.96 -3.96 32.16
CA ASP A 213 -3.82 -3.98 31.03
C ASP A 213 -3.58 -2.87 30.03
N THR A 214 -2.73 -1.91 30.30
CA THR A 214 -2.43 -0.85 29.32
C THR A 214 -1.62 -1.45 28.19
N THR A 215 -2.10 -1.42 26.95
CA THR A 215 -1.52 -2.04 25.79
C THR A 215 -2.42 -1.84 24.53
N THR A 216 -2.07 -2.60 23.46
CA THR A 216 -2.85 -2.55 22.22
C THR A 216 -3.52 -3.91 21.97
N TYR A 217 -4.84 -3.95 21.83
CA TYR A 217 -5.54 -5.18 21.63
C TYR A 217 -5.92 -5.45 20.18
N TYR A 218 -5.62 -6.66 19.68
CA TYR A 218 -6.03 -6.94 18.29
C TYR A 218 -6.88 -8.19 18.17
N CYS A 219 -7.85 -8.09 17.23
CA CYS A 219 -8.66 -9.33 16.98
C CYS A 219 -8.13 -9.88 15.65
N LEU A 220 -8.18 -11.17 15.49
CA LEU A 220 -7.69 -11.85 14.29
C LEU A 220 -8.78 -12.93 13.98
N GLN A 221 -9.17 -12.87 12.70
CA GLN A 221 -10.12 -13.87 12.19
C GLN A 221 -9.31 -14.94 11.46
N HIS A 222 -9.56 -16.19 11.77
CA HIS A 222 -8.82 -17.27 11.11
C HIS A 222 -9.85 -18.24 10.55
N GLY A 223 -11.00 -17.62 10.17
CA GLY A 223 -12.17 -18.33 9.67
C GLY A 223 -12.11 -18.58 8.17
N GLU A 224 -11.52 -17.66 7.43
CA GLU A 224 -11.34 -17.85 5.99
C GLU A 224 -9.95 -17.27 5.66
N SER A 225 -9.27 -17.89 4.74
CA SER A 225 -7.94 -17.44 4.32
C SER A 225 -7.78 -16.41 3.34
N PRO A 226 -7.49 -15.15 3.44
CA PRO A 226 -6.27 -14.72 4.04
C PRO A 226 -6.70 -14.32 5.47
N TYR A 227 -6.00 -14.82 6.46
CA TYR A 227 -6.28 -14.49 7.84
C TYR A 227 -6.19 -12.95 7.94
N THR A 228 -7.13 -12.36 8.72
CA THR A 228 -7.06 -10.86 8.72
C THR A 228 -7.17 -10.25 10.08
N PHE A 229 -6.53 -9.12 10.31
CA PHE A 229 -6.53 -8.48 11.61
C PHE A 229 -7.37 -7.20 11.68
N GLY A 230 -7.97 -6.97 12.87
CA GLY A 230 -8.63 -5.66 13.05
C GLY A 230 -7.48 -4.62 13.19
N GLY A 231 -7.83 -3.36 13.09
CA GLY A 231 -6.93 -2.25 13.15
C GLY A 231 -6.36 -2.01 14.54
N GLY A 232 -6.90 -2.61 15.59
CA GLY A 232 -6.41 -2.52 16.92
C GLY A 232 -6.99 -1.44 17.82
N THR A 233 -6.86 -1.63 19.12
CA THR A 233 -7.37 -0.75 20.13
C THR A 233 -6.29 -0.50 21.23
N LYS A 234 -5.80 0.73 21.27
CA LYS A 234 -4.83 1.13 22.26
C LYS A 234 -5.54 1.61 23.52
N LEU A 235 -5.42 0.83 24.59
CA LEU A 235 -5.99 1.16 25.88
C LEU A 235 -4.93 1.92 26.68
N GLU A 236 -5.33 3.06 27.25
CA GLU A 236 -4.44 3.87 28.04
C GLU A 236 -4.95 4.13 29.46
N ILE A 237 -4.05 3.98 30.45
CA ILE A 237 -4.43 4.28 31.84
C ILE A 237 -3.89 5.70 32.15
N LYS A 238 -2.72 5.81 32.55
N GLN B 1 4.88 15.17 -35.28
CA GLN B 1 3.64 15.45 -34.38
C GLN B 1 4.03 15.33 -32.91
N VAL B 2 3.39 16.05 -31.99
CA VAL B 2 3.88 16.05 -30.60
C VAL B 2 3.22 14.94 -29.76
N LYS B 3 3.95 13.88 -29.54
CA LYS B 3 3.41 12.75 -28.80
C LYS B 3 4.48 11.93 -28.08
N LEU B 4 3.95 11.14 -27.19
CA LEU B 4 4.75 10.20 -26.38
C LEU B 4 4.30 8.81 -26.75
N GLN B 5 5.19 7.99 -27.34
CA GLN B 5 4.71 6.60 -27.69
C GLN B 5 5.04 5.66 -26.58
N GLN B 6 4.09 4.92 -26.03
CA GLN B 6 4.43 4.02 -24.90
C GLN B 6 4.57 2.56 -25.38
N SER B 7 5.39 1.77 -24.67
CA SER B 7 5.61 0.38 -25.10
C SER B 7 4.34 -0.45 -24.93
N GLY B 8 4.36 -1.67 -25.43
CA GLY B 8 3.34 -2.63 -25.50
C GLY B 8 2.23 -2.77 -24.56
N ALA B 9 1.89 -3.78 -23.89
CA ALA B 9 0.96 -4.10 -22.87
C ALA B 9 1.69 -5.36 -22.30
N GLU B 10 1.78 -5.55 -21.02
CA GLU B 10 2.58 -6.69 -20.55
C GLU B 10 1.74 -7.46 -19.54
N LEU B 11 2.01 -8.69 -19.38
CA LEU B 11 1.33 -9.58 -18.42
C LEU B 11 2.43 -10.43 -17.80
N VAL B 12 2.55 -10.43 -16.49
CA VAL B 12 3.72 -11.12 -15.87
C VAL B 12 3.31 -11.80 -14.58
N LYS B 13 4.21 -12.66 -14.07
CA LYS B 13 3.88 -13.36 -12.84
C LYS B 13 4.35 -12.51 -11.66
N PRO B 14 3.71 -12.70 -10.53
CA PRO B 14 4.06 -12.04 -9.30
C PRO B 14 5.55 -12.31 -9.08
N GLY B 15 6.32 -11.28 -8.70
CA GLY B 15 7.77 -11.55 -8.50
C GLY B 15 8.56 -11.06 -9.70
N ALA B 16 7.94 -10.99 -10.85
CA ALA B 16 8.66 -10.56 -12.05
C ALA B 16 8.98 -9.09 -12.09
N SER B 17 9.73 -8.66 -13.11
CA SER B 17 10.19 -7.34 -13.35
C SER B 17 9.79 -6.96 -14.79
N VAL B 18 9.45 -5.70 -15.02
CA VAL B 18 9.13 -5.28 -16.40
C VAL B 18 9.80 -3.91 -16.60
N LYS B 19 10.12 -3.58 -17.84
CA LYS B 19 10.75 -2.29 -18.13
C LYS B 19 9.95 -1.60 -19.22
N LEU B 20 9.25 -0.52 -18.94
CA LEU B 20 8.39 0.16 -19.88
C LEU B 20 9.17 1.29 -20.52
N SER B 21 8.82 1.60 -21.77
CA SER B 21 9.52 2.68 -22.46
C SER B 21 8.49 3.71 -22.92
N CYS B 22 8.95 4.93 -23.12
CA CYS B 22 8.17 6.07 -23.51
C CYS B 22 9.02 6.96 -24.42
N THR B 23 8.73 6.92 -25.70
CA THR B 23 9.56 7.62 -26.69
C THR B 23 8.86 8.86 -27.22
N ALA B 24 9.57 9.98 -27.18
CA ALA B 24 8.94 11.22 -27.61
C ALA B 24 9.26 11.50 -29.10
N SER B 25 8.39 12.30 -29.70
CA SER B 25 8.63 12.75 -31.08
C SER B 25 8.11 14.17 -31.14
N GLY B 26 8.82 15.09 -31.80
CA GLY B 26 8.31 16.48 -31.83
C GLY B 26 9.13 17.35 -30.87
N PHE B 27 9.79 16.75 -29.89
CA PHE B 27 10.63 17.47 -28.96
C PHE B 27 11.68 16.52 -28.37
N ASN B 28 12.73 17.15 -27.85
CA ASN B 28 13.83 16.36 -27.25
C ASN B 28 13.58 16.22 -25.77
N ILE B 29 13.61 14.98 -25.23
CA ILE B 29 13.36 14.82 -23.78
C ILE B 29 14.45 15.49 -22.95
N LYS B 30 15.62 15.71 -23.51
CA LYS B 30 16.70 16.45 -22.86
C LYS B 30 16.31 17.87 -22.44
N ASP B 31 15.36 18.56 -23.08
CA ASP B 31 14.94 19.89 -22.76
C ASP B 31 13.75 19.89 -21.83
N THR B 32 13.42 18.76 -21.19
CA THR B 32 12.22 18.68 -20.36
C THR B 32 12.51 17.89 -19.07
N TYR B 33 11.47 17.57 -18.37
CA TYR B 33 11.45 16.64 -17.26
C TYR B 33 10.39 15.59 -17.75
N MET B 34 10.58 14.33 -17.49
CA MET B 34 9.59 13.36 -17.89
C MET B 34 9.00 12.73 -16.62
N HIS B 35 7.69 12.67 -16.51
CA HIS B 35 6.97 12.19 -15.37
C HIS B 35 6.32 10.85 -15.62
N TRP B 36 6.17 10.02 -14.59
CA TRP B 36 5.46 8.75 -14.75
C TRP B 36 4.28 8.71 -13.78
N VAL B 37 3.16 8.18 -14.18
CA VAL B 37 1.92 8.15 -13.37
C VAL B 37 1.33 6.76 -13.41
N LYS B 38 0.94 6.20 -12.29
CA LYS B 38 0.34 4.87 -12.16
C LYS B 38 -1.19 5.03 -12.01
N GLN B 39 -2.03 4.18 -12.50
CA GLN B 39 -3.44 4.20 -12.32
C GLN B 39 -4.01 2.77 -12.22
N ARG B 40 -4.36 2.33 -11.03
CA ARG B 40 -4.95 1.03 -10.77
C ARG B 40 -6.36 0.97 -11.37
N PRO B 41 -6.76 -0.18 -11.91
CA PRO B 41 -8.06 -0.30 -12.54
C PRO B 41 -9.15 0.24 -11.66
N GLU B 42 -9.97 1.14 -12.20
CA GLU B 42 -11.07 1.83 -11.60
C GLU B 42 -10.63 2.76 -10.44
N GLN B 43 -9.36 3.10 -10.36
CA GLN B 43 -8.89 3.93 -9.27
C GLN B 43 -8.16 5.17 -9.77
N GLY B 44 -7.64 5.98 -8.84
CA GLY B 44 -7.03 7.21 -9.22
C GLY B 44 -5.59 7.24 -9.68
N LEU B 45 -5.23 8.45 -10.18
CA LEU B 45 -3.88 8.70 -10.65
C LEU B 45 -2.92 8.85 -9.48
N GLU B 46 -1.74 8.27 -9.47
CA GLU B 46 -0.69 8.44 -8.50
C GLU B 46 0.57 9.02 -9.19
N TRP B 47 1.15 10.05 -8.64
CA TRP B 47 2.42 10.49 -9.37
C TRP B 47 3.54 9.53 -8.93
N ILE B 48 4.32 8.93 -9.80
CA ILE B 48 5.31 7.99 -9.17
C ILE B 48 6.59 8.79 -9.02
N GLY B 49 6.89 9.66 -9.97
CA GLY B 49 8.16 10.37 -9.98
C GLY B 49 8.45 11.01 -11.31
N ARG B 50 9.58 11.63 -11.44
CA ARG B 50 10.02 12.26 -12.65
C ARG B 50 11.54 12.10 -12.72
N ILE B 51 11.97 12.28 -13.97
CA ILE B 51 13.38 12.31 -14.31
C ILE B 51 13.68 13.58 -15.05
N ASP B 52 14.83 14.21 -14.84
CA ASP B 52 15.34 15.26 -15.75
C ASP B 52 16.33 14.47 -16.63
N PRO B 53 16.04 14.17 -17.86
CA PRO B 53 16.93 13.37 -18.70
C PRO B 53 18.24 14.03 -19.00
N ALA B 54 18.37 15.35 -18.93
CA ALA B 54 19.69 15.97 -19.22
C ALA B 54 20.77 15.56 -18.24
N ASN B 55 20.54 15.30 -16.95
CA ASN B 55 21.56 14.99 -15.99
C ASN B 55 21.19 13.77 -15.18
N GLY B 56 20.00 13.17 -15.49
CA GLY B 56 19.54 11.97 -14.79
C GLY B 56 18.98 12.14 -13.41
N ASN B 57 18.70 13.39 -12.94
CA ASN B 57 18.21 13.56 -11.58
C ASN B 57 16.73 13.12 -11.46
N THR B 58 16.48 12.30 -10.44
CA THR B 58 15.14 11.76 -10.29
C THR B 58 14.49 12.17 -8.99
N LYS B 59 13.19 12.39 -9.04
CA LYS B 59 12.46 12.64 -7.78
C LYS B 59 11.25 11.70 -7.76
N TYR B 60 10.94 11.10 -6.66
CA TYR B 60 9.83 10.21 -6.52
C TYR B 60 8.93 10.46 -5.28
N ASP B 61 7.77 9.82 -5.42
CA ASP B 61 6.93 9.75 -4.17
C ASP B 61 7.67 8.61 -3.45
N PRO B 62 7.97 8.77 -2.17
CA PRO B 62 8.70 7.81 -1.36
C PRO B 62 8.11 6.45 -1.32
N LYS B 63 6.83 6.24 -1.51
CA LYS B 63 6.15 5.00 -1.69
C LYS B 63 6.83 4.14 -2.81
N PHE B 64 7.12 4.76 -3.95
CA PHE B 64 7.61 4.05 -5.10
C PHE B 64 9.08 3.81 -5.23
N GLN B 65 9.88 4.59 -4.41
CA GLN B 65 11.32 4.45 -4.49
C GLN B 65 11.85 3.13 -4.08
N GLY B 66 12.53 2.42 -5.00
CA GLY B 66 13.09 1.10 -4.76
C GLY B 66 12.20 -0.01 -5.47
N LYS B 67 10.98 0.33 -5.73
CA LYS B 67 10.06 -0.54 -6.46
C LYS B 67 10.08 -0.10 -7.95
N ALA B 68 9.93 1.20 -8.14
CA ALA B 68 9.87 1.80 -9.46
C ALA B 68 11.05 2.69 -9.72
N THR B 69 11.73 2.53 -10.86
CA THR B 69 12.94 3.25 -11.18
C THR B 69 12.89 3.84 -12.62
N ILE B 70 13.09 5.13 -12.63
CA ILE B 70 13.00 5.94 -13.86
C ILE B 70 14.37 6.25 -14.40
N THR B 71 14.60 6.02 -15.70
CA THR B 71 15.84 6.27 -16.30
C THR B 71 15.52 6.96 -17.63
N ALA B 72 16.53 7.38 -18.29
CA ALA B 72 16.35 7.95 -19.66
C ALA B 72 17.56 7.66 -20.53
N ASP B 73 17.34 7.88 -21.85
CA ASP B 73 18.29 7.78 -22.89
C ASP B 73 18.02 8.95 -23.82
N THR B 74 18.76 10.01 -23.76
CA THR B 74 18.50 11.20 -24.56
C THR B 74 18.91 11.12 -26.02
N SER B 75 19.62 10.12 -26.47
CA SER B 75 19.93 9.94 -27.90
C SER B 75 18.79 9.21 -28.59
N SER B 76 18.25 8.21 -27.86
CA SER B 76 17.05 7.49 -28.28
C SER B 76 15.76 8.22 -28.02
N ASN B 77 15.82 9.31 -27.27
CA ASN B 77 14.77 10.21 -26.85
C ASN B 77 13.68 9.42 -26.12
N THR B 78 14.12 8.45 -25.29
CA THR B 78 13.19 7.64 -24.53
C THR B 78 13.40 7.63 -23.02
N ALA B 79 12.33 7.69 -22.26
CA ALA B 79 12.32 7.51 -20.83
C ALA B 79 11.78 6.16 -20.46
N TYR B 80 12.30 5.58 -19.36
CA TYR B 80 11.90 4.23 -18.96
C TYR B 80 11.39 4.14 -17.53
N LEU B 81 10.65 3.07 -17.26
CA LEU B 81 10.14 2.76 -15.93
C LEU B 81 10.38 1.25 -15.68
N GLN B 82 11.32 0.99 -14.78
CA GLN B 82 11.63 -0.37 -14.42
C GLN B 82 10.78 -0.71 -13.19
N LEU B 83 9.92 -1.71 -13.26
CA LEU B 83 9.11 -2.10 -12.09
C LEU B 83 9.64 -3.47 -11.59
N SER B 84 9.67 -3.72 -10.30
CA SER B 84 10.28 -5.00 -9.87
C SER B 84 9.52 -5.59 -8.68
N SER B 85 9.74 -6.87 -8.52
CA SER B 85 9.02 -7.63 -7.46
C SER B 85 7.54 -7.29 -7.50
N LEU B 86 6.95 -7.47 -8.69
CA LEU B 86 5.59 -7.08 -8.95
C LEU B 86 4.55 -7.91 -8.19
N THR B 87 3.50 -7.27 -7.74
CA THR B 87 2.43 -7.88 -6.99
C THR B 87 1.11 -7.48 -7.67
N SER B 88 0.00 -8.08 -7.31
CA SER B 88 -1.31 -7.76 -7.86
C SER B 88 -1.69 -6.31 -7.64
N GLU B 89 -1.22 -5.63 -6.60
CA GLU B 89 -1.40 -4.21 -6.41
C GLU B 89 -0.62 -3.33 -7.42
N ASP B 90 0.12 -3.95 -8.33
CA ASP B 90 0.91 -3.25 -9.34
C ASP B 90 0.29 -3.36 -10.71
N THR B 91 -0.83 -4.06 -10.79
CA THR B 91 -1.63 -4.20 -12.03
C THR B 91 -2.21 -2.79 -12.20
N ALA B 92 -1.98 -2.19 -13.35
CA ALA B 92 -2.31 -0.81 -13.58
C ALA B 92 -1.88 -0.34 -14.97
N VAL B 93 -2.28 0.84 -15.32
CA VAL B 93 -1.98 1.48 -16.58
C VAL B 93 -0.85 2.49 -16.21
N TYR B 94 0.25 2.44 -16.91
CA TYR B 94 1.38 3.32 -16.49
C TYR B 94 1.52 4.39 -17.55
N TYR B 95 1.44 5.67 -17.16
CA TYR B 95 1.50 6.71 -18.14
C TYR B 95 2.81 7.50 -18.01
N CYS B 96 3.24 8.01 -19.14
CA CYS B 96 4.41 8.92 -19.08
C CYS B 96 3.89 10.31 -19.44
N ALA B 97 4.53 11.43 -18.98
CA ALA B 97 4.02 12.70 -19.41
C ALA B 97 5.03 13.85 -19.31
N ARG B 98 4.86 14.78 -20.26
CA ARG B 98 5.70 16.01 -20.13
C ARG B 98 4.66 17.02 -19.55
N TRP B 99 4.99 17.76 -18.61
CA TRP B 99 4.11 18.74 -17.93
C TRP B 99 4.90 20.07 -17.92
N ASP B 100 4.34 21.06 -18.53
CA ASP B 100 4.93 22.37 -18.82
C ASP B 100 3.73 23.31 -19.08
N TRP B 101 3.85 24.57 -18.73
CA TRP B 101 2.70 25.46 -18.94
C TRP B 101 2.09 25.40 -20.31
N TYR B 102 0.80 25.13 -20.54
CA TYR B 102 0.19 25.09 -21.83
C TYR B 102 0.91 24.16 -22.81
N PHE B 103 1.57 23.10 -22.37
CA PHE B 103 2.32 22.20 -23.22
C PHE B 103 2.28 20.76 -22.67
N ASP B 104 1.26 20.48 -21.87
CA ASP B 104 1.21 19.11 -21.33
C ASP B 104 0.94 18.09 -22.42
N VAL B 105 1.68 16.98 -22.37
CA VAL B 105 1.49 15.92 -23.35
C VAL B 105 1.58 14.59 -22.56
N TRP B 106 0.60 13.67 -22.72
CA TRP B 106 0.69 12.39 -22.12
C TRP B 106 0.81 11.26 -23.16
N GLY B 107 1.55 10.21 -22.78
CA GLY B 107 1.58 9.02 -23.64
C GLY B 107 0.15 8.38 -23.51
N GLN B 108 -0.05 7.33 -24.32
CA GLN B 108 -1.37 6.64 -24.26
C GLN B 108 -1.45 5.60 -23.17
N GLY B 109 -0.39 5.36 -22.38
CA GLY B 109 -0.47 4.41 -21.29
C GLY B 109 -0.09 3.03 -21.71
N THR B 110 0.46 2.28 -20.78
CA THR B 110 0.89 0.91 -21.12
C THR B 110 0.26 0.11 -19.94
N THR B 111 -0.51 -0.88 -20.27
CA THR B 111 -1.18 -1.70 -19.24
C THR B 111 -0.21 -2.72 -18.76
N VAL B 112 -0.09 -2.91 -17.45
CA VAL B 112 0.71 -3.96 -16.89
C VAL B 112 -0.22 -4.82 -16.02
N THR B 113 -0.26 -6.08 -16.32
CA THR B 113 -1.14 -7.01 -15.57
C THR B 113 -0.29 -8.07 -14.91
N VAL B 114 -0.45 -8.16 -13.58
CA VAL B 114 0.27 -9.16 -12.80
C VAL B 114 -0.70 -10.32 -12.51
N SER B 115 -0.46 -11.53 -12.99
CA SER B 115 -1.42 -12.59 -12.76
C SER B 115 -0.90 -13.80 -12.03
N SER B 116 -1.73 -14.31 -11.11
CA SER B 116 -1.33 -15.54 -10.41
C SER B 116 -2.35 -16.65 -10.65
N GLY B 117 -2.01 -17.84 -10.45
N ASP B 132 4.63 15.91 2.25
CA ASP B 132 3.53 14.93 2.48
C ASP B 132 2.19 15.54 2.12
N ILE B 133 2.06 16.37 1.07
CA ILE B 133 0.84 17.08 0.72
C ILE B 133 -0.35 16.24 0.29
N GLU B 134 -1.48 16.48 0.91
CA GLU B 134 -2.72 15.80 0.74
C GLU B 134 -3.78 16.55 -0.04
N LEU B 135 -4.34 15.97 -1.09
CA LEU B 135 -5.37 16.63 -1.88
C LEU B 135 -6.70 15.88 -1.70
N THR B 136 -7.68 16.58 -1.16
CA THR B 136 -8.97 15.92 -0.93
C THR B 136 -10.00 16.42 -1.92
N GLN B 137 -10.56 15.56 -2.72
CA GLN B 137 -11.51 15.88 -3.76
C GLN B 137 -12.95 15.51 -3.41
N SER B 138 -13.87 16.44 -3.61
CA SER B 138 -15.27 16.20 -3.27
C SER B 138 -16.36 16.59 -4.17
N PRO B 139 -17.01 15.72 -4.86
CA PRO B 139 -17.65 14.53 -4.47
C PRO B 139 -16.80 13.37 -5.08
N SER B 140 -16.82 12.21 -4.49
CA SER B 140 -16.10 11.07 -5.06
C SER B 140 -16.71 10.67 -6.40
N SER B 141 -18.02 10.72 -6.50
CA SER B 141 -18.82 10.45 -7.66
C SER B 141 -20.02 11.39 -7.66
N MET B 142 -20.71 11.51 -8.78
CA MET B 142 -21.87 12.39 -8.86
C MET B 142 -22.68 12.14 -10.12
N TYR B 143 -24.00 12.11 -9.97
CA TYR B 143 -24.87 12.01 -11.15
C TYR B 143 -25.44 13.44 -11.31
N THR B 144 -25.42 13.90 -12.52
CA THR B 144 -25.89 15.24 -12.90
C THR B 144 -26.64 15.04 -14.22
N SER B 145 -27.20 16.07 -14.80
CA SER B 145 -27.96 15.92 -16.04
C SER B 145 -27.55 16.97 -17.05
N LEU B 146 -27.59 16.71 -18.32
CA LEU B 146 -27.20 17.53 -19.43
C LEU B 146 -27.47 19.01 -19.47
N GLY B 147 -27.48 19.77 -18.39
CA GLY B 147 -27.67 21.18 -18.34
C GLY B 147 -27.52 21.75 -16.92
N GLU B 148 -27.08 20.88 -16.03
CA GLU B 148 -26.87 21.21 -14.63
C GLU B 148 -25.57 21.98 -14.42
N ARG B 149 -25.32 22.41 -13.20
CA ARG B 149 -24.10 23.10 -12.83
C ARG B 149 -23.29 22.14 -11.97
N VAL B 150 -22.03 21.90 -12.38
CA VAL B 150 -21.25 20.99 -11.50
C VAL B 150 -20.09 21.78 -10.90
N THR B 151 -19.94 21.64 -9.61
CA THR B 151 -18.83 22.28 -8.88
C THR B 151 -18.12 21.12 -8.21
N ILE B 152 -16.87 20.97 -8.52
CA ILE B 152 -16.06 19.92 -7.88
C ILE B 152 -14.99 20.71 -7.11
N THR B 153 -14.57 20.26 -5.95
CA THR B 153 -13.58 20.97 -5.18
C THR B 153 -12.32 20.14 -4.89
N CYS B 154 -11.29 20.88 -4.54
CA CYS B 154 -10.00 20.28 -4.22
C CYS B 154 -9.31 21.03 -3.10
N LYS B 155 -9.17 20.38 -1.95
CA LYS B 155 -8.59 20.94 -0.76
C LYS B 155 -7.28 20.31 -0.32
N ALA B 156 -6.30 21.14 -0.05
CA ALA B 156 -4.96 20.70 0.34
C ALA B 156 -4.46 21.25 1.66
N SER B 157 -3.12 21.15 1.87
CA SER B 157 -2.49 21.69 3.08
C SER B 157 -1.34 22.66 2.77
N GLN B 158 -1.61 23.80 2.21
CA GLN B 158 -1.14 24.99 1.74
C GLN B 158 -0.36 24.76 0.38
N ASP B 159 -1.26 24.53 -0.56
CA ASP B 159 -0.77 24.27 -1.91
C ASP B 159 0.35 25.16 -2.26
N ILE B 160 0.15 26.33 -2.71
CA ILE B 160 1.31 27.17 -3.17
C ILE B 160 0.54 28.32 -3.64
N ASN B 161 1.08 29.31 -4.25
CA ASN B 161 0.05 30.23 -4.83
C ASN B 161 -0.23 29.31 -6.07
N SER B 162 -1.42 28.72 -6.09
CA SER B 162 -2.01 28.13 -7.20
C SER B 162 -1.30 27.19 -8.12
N TYR B 163 -0.38 26.38 -7.67
CA TYR B 163 0.24 25.33 -8.54
C TYR B 163 -0.68 24.10 -8.47
N LEU B 164 -1.80 24.21 -9.20
CA LEU B 164 -2.79 23.19 -9.34
C LEU B 164 -3.30 23.05 -10.78
N ARG B 165 -3.28 21.84 -11.33
CA ARG B 165 -3.87 21.58 -12.65
C ARG B 165 -5.17 20.75 -12.44
N TRP B 166 -6.17 20.93 -13.28
CA TRP B 166 -7.36 20.18 -13.45
C TRP B 166 -7.18 19.35 -14.74
N PHE B 167 -7.37 18.04 -14.66
CA PHE B 167 -7.28 17.13 -15.77
C PHE B 167 -8.70 16.51 -15.98
N GLN B 168 -8.98 16.12 -17.19
CA GLN B 168 -10.26 15.43 -17.48
C GLN B 168 -9.92 14.09 -18.17
N GLN B 169 -10.38 12.98 -17.65
CA GLN B 169 -10.10 11.69 -18.16
C GLN B 169 -11.40 10.87 -18.48
N LYS B 170 -11.48 10.48 -19.73
CA LYS B 170 -12.64 9.66 -20.15
C LYS B 170 -12.17 8.21 -20.15
N PRO B 171 -13.12 7.30 -19.93
CA PRO B 171 -12.81 5.89 -19.87
C PRO B 171 -11.96 5.48 -21.05
N GLY B 172 -10.84 4.83 -20.81
CA GLY B 172 -9.91 4.40 -21.84
C GLY B 172 -9.03 5.43 -22.50
N LYS B 173 -9.07 6.70 -22.04
CA LYS B 173 -8.20 7.72 -22.69
C LYS B 173 -7.19 8.25 -21.68
N SER B 174 -6.12 8.87 -22.16
CA SER B 174 -5.18 9.50 -21.20
C SER B 174 -5.82 10.84 -20.76
N PRO B 175 -5.48 11.36 -19.62
CA PRO B 175 -6.01 12.61 -19.15
C PRO B 175 -5.64 13.82 -20.01
N LYS B 176 -6.54 14.76 -20.25
CA LYS B 176 -6.23 15.97 -20.99
C LYS B 176 -6.26 17.10 -19.92
N THR B 177 -5.48 18.12 -20.02
CA THR B 177 -5.37 19.22 -19.12
C THR B 177 -6.43 20.29 -19.42
N LEU B 178 -7.29 20.56 -18.44
CA LEU B 178 -8.30 21.61 -18.69
C LEU B 178 -7.80 22.95 -18.19
N ILE B 179 -7.18 22.94 -17.01
CA ILE B 179 -6.79 24.22 -16.40
C ILE B 179 -5.38 24.22 -15.83
N TYR B 180 -4.68 25.31 -16.04
CA TYR B 180 -3.32 25.52 -15.54
C TYR B 180 -3.30 26.62 -14.48
N TYR B 181 -2.42 26.62 -13.56
CA TYR B 181 -2.21 27.63 -12.55
C TYR B 181 -3.53 28.01 -11.90
N ALA B 182 -4.32 26.98 -11.53
CA ALA B 182 -5.56 27.05 -10.87
C ALA B 182 -6.75 27.63 -11.62
N THR B 183 -6.61 28.63 -12.44
CA THR B 183 -7.64 29.37 -13.06
C THR B 183 -7.58 29.66 -14.55
N SER B 184 -6.53 29.35 -15.23
CA SER B 184 -6.30 29.65 -16.62
C SER B 184 -6.65 28.45 -17.52
N LEU B 185 -7.58 28.69 -18.46
CA LEU B 185 -8.05 27.64 -19.34
C LEU B 185 -7.02 27.14 -20.32
N ALA B 186 -7.00 25.81 -20.47
CA ALA B 186 -6.04 25.22 -21.45
C ALA B 186 -6.55 25.66 -22.84
N ASP B 187 -5.68 25.65 -23.82
CA ASP B 187 -6.05 26.05 -25.16
C ASP B 187 -7.06 25.11 -25.77
N GLY B 188 -8.17 25.71 -26.20
CA GLY B 188 -9.24 24.99 -26.88
C GLY B 188 -10.31 24.42 -25.98
N VAL B 189 -10.19 24.68 -24.67
CA VAL B 189 -11.16 24.23 -23.68
C VAL B 189 -12.38 25.14 -23.67
N PRO B 190 -13.56 24.57 -23.83
CA PRO B 190 -14.80 25.31 -23.87
C PRO B 190 -14.90 26.37 -22.80
N SER B 191 -15.59 27.48 -23.09
CA SER B 191 -15.84 28.57 -22.17
C SER B 191 -16.53 28.18 -20.87
N ARG B 192 -17.35 27.16 -20.88
CA ARG B 192 -18.14 26.63 -19.82
C ARG B 192 -17.44 26.10 -18.59
N PHE B 193 -16.15 25.76 -18.70
CA PHE B 193 -15.35 25.35 -17.58
C PHE B 193 -14.62 26.60 -16.99
N SER B 194 -14.41 26.53 -15.69
CA SER B 194 -13.62 27.58 -15.02
C SER B 194 -13.08 27.04 -13.71
N GLY B 195 -11.93 27.55 -13.30
CA GLY B 195 -11.25 27.12 -12.08
C GLY B 195 -11.06 28.31 -11.12
N SER B 196 -11.10 28.07 -9.84
CA SER B 196 -11.00 29.04 -8.82
C SER B 196 -10.21 28.65 -7.58
N GLY B 197 -9.86 29.70 -6.87
CA GLY B 197 -9.13 29.58 -5.63
C GLY B 197 -7.64 29.86 -5.87
N SER B 198 -6.98 30.01 -4.78
CA SER B 198 -5.58 30.16 -4.53
C SER B 198 -5.47 29.72 -3.05
N GLY B 199 -4.30 29.64 -2.53
CA GLY B 199 -4.25 29.18 -1.11
C GLY B 199 -4.41 27.69 -1.08
N GLN B 200 -5.33 27.15 -0.29
CA GLN B 200 -5.55 25.77 -0.11
C GLN B 200 -6.82 25.22 -0.73
N ASP B 201 -7.82 26.06 -0.97
CA ASP B 201 -9.08 25.55 -1.46
C ASP B 201 -9.35 26.00 -2.90
N TYR B 202 -9.51 24.89 -3.70
CA TYR B 202 -9.73 25.10 -5.14
C TYR B 202 -11.04 24.49 -5.63
N SER B 203 -11.53 24.94 -6.76
CA SER B 203 -12.72 24.30 -7.33
C SER B 203 -12.71 24.43 -8.85
N LEU B 204 -13.44 23.46 -9.43
CA LEU B 204 -13.59 23.43 -10.90
C LEU B 204 -15.09 23.51 -11.18
N THR B 205 -15.48 24.41 -12.07
CA THR B 205 -16.94 24.52 -12.31
C THR B 205 -17.22 24.39 -13.78
N ILE B 206 -18.29 23.67 -14.07
CA ILE B 206 -18.84 23.52 -15.40
C ILE B 206 -20.19 24.30 -15.31
N SER B 207 -20.37 25.34 -16.10
CA SER B 207 -21.69 26.05 -15.98
C SER B 207 -22.74 25.10 -16.51
N SER B 208 -23.22 25.09 -17.74
CA SER B 208 -24.21 24.06 -18.13
C SER B 208 -23.48 22.80 -18.57
N LEU B 209 -23.54 21.74 -17.77
CA LEU B 209 -22.87 20.49 -18.13
C LEU B 209 -23.25 20.05 -19.54
N GLU B 210 -22.29 19.89 -20.41
CA GLU B 210 -22.48 19.47 -21.80
C GLU B 210 -22.35 17.95 -21.78
N SER B 211 -22.82 17.20 -22.77
CA SER B 211 -22.68 15.73 -22.67
C SER B 211 -21.28 15.23 -22.98
N ASP B 212 -20.29 16.03 -23.41
CA ASP B 212 -18.95 15.61 -23.60
C ASP B 212 -18.18 15.59 -22.24
N ASP B 213 -18.82 16.17 -21.23
CA ASP B 213 -18.22 16.33 -19.93
C ASP B 213 -18.30 15.11 -19.04
N THR B 214 -19.01 14.08 -19.40
CA THR B 214 -19.05 12.84 -18.59
C THR B 214 -17.65 12.28 -18.57
N THR B 215 -16.98 12.16 -17.43
CA THR B 215 -15.62 11.76 -17.25
C THR B 215 -15.23 11.72 -15.75
N THR B 216 -13.91 11.54 -15.55
CA THR B 216 -13.37 11.62 -14.18
C THR B 216 -12.44 12.82 -14.12
N TYR B 217 -12.62 13.69 -13.12
CA TYR B 217 -11.80 14.88 -13.02
C TYR B 217 -10.81 14.72 -11.89
N TYR B 218 -9.56 15.13 -12.11
CA TYR B 218 -8.53 15.03 -11.13
C TYR B 218 -7.75 16.38 -10.98
N CYS B 219 -7.55 16.71 -9.69
CA CYS B 219 -6.73 17.89 -9.45
C CYS B 219 -5.30 17.27 -9.16
N LEU B 220 -4.29 18.07 -9.38
CA LEU B 220 -2.92 17.68 -9.11
C LEU B 220 -2.16 18.93 -8.59
N GLN B 221 -1.49 18.81 -7.48
CA GLN B 221 -0.64 19.89 -6.99
C GLN B 221 0.82 19.59 -7.40
N HIS B 222 1.46 20.60 -7.93
CA HIS B 222 2.90 20.50 -8.35
C HIS B 222 3.62 21.71 -7.75
N GLY B 223 3.10 21.94 -6.48
CA GLY B 223 3.45 23.00 -5.56
C GLY B 223 4.66 22.66 -4.70
N GLU B 224 4.77 21.40 -4.30
CA GLU B 224 5.94 20.90 -3.58
C GLU B 224 6.06 19.41 -4.03
N SER B 225 7.29 19.01 -4.25
CA SER B 225 7.57 17.58 -4.58
C SER B 225 7.15 16.71 -3.50
N PRO B 226 7.00 15.44 -3.46
CA PRO B 226 6.20 14.67 -4.35
C PRO B 226 4.95 15.44 -4.83
N TYR B 227 4.78 15.52 -6.13
CA TYR B 227 3.53 16.08 -6.68
C TYR B 227 2.39 15.15 -6.17
N THR B 228 1.16 15.66 -6.03
CA THR B 228 0.11 14.76 -5.53
C THR B 228 -1.21 14.99 -6.20
N PHE B 229 -1.96 13.89 -6.39
CA PHE B 229 -3.22 13.87 -7.03
C PHE B 229 -4.39 13.73 -6.07
N GLY B 230 -5.44 14.52 -6.27
CA GLY B 230 -6.68 14.30 -5.49
C GLY B 230 -7.23 12.92 -5.94
N GLY B 231 -8.10 12.31 -5.16
CA GLY B 231 -8.75 11.09 -5.38
C GLY B 231 -9.69 10.99 -6.57
N GLY B 232 -10.03 12.06 -7.23
CA GLY B 232 -10.84 12.08 -8.41
C GLY B 232 -12.35 12.25 -8.13
N THR B 233 -13.08 12.66 -9.15
CA THR B 233 -14.47 12.83 -9.21
C THR B 233 -15.09 12.32 -10.53
N LYS B 234 -15.84 11.24 -10.43
CA LYS B 234 -16.53 10.62 -11.56
C LYS B 234 -17.90 11.29 -11.76
N LEU B 235 -18.10 11.89 -12.91
CA LEU B 235 -19.29 12.58 -13.33
C LEU B 235 -20.07 11.79 -14.38
N GLU B 236 -21.29 11.41 -14.05
CA GLU B 236 -22.13 10.65 -14.95
C GLU B 236 -23.43 11.30 -15.35
N ILE B 237 -23.78 11.22 -16.64
CA ILE B 237 -25.06 11.78 -17.11
C ILE B 237 -26.16 10.77 -16.80
N LYS B 238 -27.29 10.92 -17.30
N LYS C 1 -19.22 -48.93 17.64
CA LYS C 1 -19.27 -49.87 16.47
C LYS C 1 -18.00 -49.68 15.62
N VAL C 2 -17.66 -50.62 14.83
CA VAL C 2 -16.51 -50.48 13.93
C VAL C 2 -16.98 -50.08 12.56
N TYR C 3 -16.63 -48.92 12.03
CA TYR C 3 -17.03 -48.57 10.67
C TYR C 3 -16.19 -49.27 9.62
N GLY C 4 -16.86 -49.50 8.47
CA GLY C 4 -16.22 -49.96 7.28
C GLY C 4 -15.65 -48.68 6.63
N ARG C 5 -14.57 -48.89 5.86
CA ARG C 5 -13.92 -47.67 5.32
C ARG C 5 -14.80 -46.91 4.36
N CYS C 6 -15.54 -47.54 3.45
CA CYS C 6 -16.34 -46.68 2.55
C CYS C 6 -17.54 -46.02 3.19
N GLU C 7 -18.17 -46.66 4.13
CA GLU C 7 -19.34 -46.11 4.81
C GLU C 7 -18.92 -44.89 5.63
N LEU C 8 -17.76 -44.95 6.23
CA LEU C 8 -17.24 -43.81 7.03
C LEU C 8 -16.91 -42.62 6.14
N ALA C 9 -16.37 -42.94 4.95
CA ALA C 9 -16.04 -41.94 3.91
C ALA C 9 -17.28 -41.23 3.43
N ALA C 10 -18.36 -42.00 3.30
CA ALA C 10 -19.63 -41.36 2.79
C ALA C 10 -20.22 -40.47 3.83
N ALA C 11 -20.33 -40.99 5.05
CA ALA C 11 -20.88 -40.10 6.15
C ALA C 11 -19.95 -38.90 6.31
N MET C 12 -18.58 -39.04 6.31
CA MET C 12 -17.74 -37.84 6.46
C MET C 12 -17.89 -36.82 5.35
N LYS C 13 -18.07 -37.32 4.10
CA LYS C 13 -18.28 -36.37 2.98
C LYS C 13 -19.60 -35.64 3.04
N ARG C 14 -20.63 -36.35 3.44
CA ARG C 14 -21.98 -35.80 3.65
C ARG C 14 -21.99 -34.76 4.74
N LEU C 15 -21.15 -35.01 5.78
CA LEU C 15 -21.05 -34.01 6.89
C LEU C 15 -20.08 -32.89 6.59
N GLY C 16 -19.50 -32.80 5.39
CA GLY C 16 -18.65 -31.74 4.97
C GLY C 16 -17.17 -31.72 5.25
N LEU C 17 -16.49 -32.87 5.35
CA LEU C 17 -15.05 -32.84 5.57
C LEU C 17 -14.25 -32.93 4.27
N ASP C 18 -14.89 -33.20 3.13
CA ASP C 18 -14.11 -33.36 1.90
C ASP C 18 -13.49 -32.02 1.53
N ASN C 19 -12.20 -31.89 1.69
CA ASN C 19 -11.53 -30.63 1.38
C ASN C 19 -11.74 -29.56 2.46
N TYR C 20 -12.17 -29.99 3.65
CA TYR C 20 -12.28 -29.06 4.77
C TYR C 20 -10.88 -28.57 5.16
N ARG C 21 -10.70 -27.24 5.14
CA ARG C 21 -9.40 -26.59 5.45
C ARG C 21 -8.35 -27.09 4.49
N GLY C 22 -8.83 -27.35 3.26
CA GLY C 22 -8.02 -27.90 2.21
C GLY C 22 -7.58 -29.33 2.30
N TYR C 23 -8.04 -30.16 3.25
CA TYR C 23 -7.64 -31.53 3.42
C TYR C 23 -8.66 -32.44 2.72
N SER C 24 -8.19 -33.24 1.77
CA SER C 24 -9.04 -34.14 1.02
C SER C 24 -9.67 -35.19 1.87
N LEU C 25 -10.85 -35.75 1.46
CA LEU C 25 -11.53 -36.74 2.27
C LEU C 25 -10.70 -37.85 2.80
N GLY C 26 -9.81 -38.43 1.95
CA GLY C 26 -8.91 -39.50 2.34
C GLY C 26 -8.11 -39.15 3.61
N ASN C 27 -7.80 -37.89 3.82
CA ASN C 27 -7.08 -37.51 5.05
C ASN C 27 -7.89 -37.89 6.27
N TRP C 28 -9.20 -37.62 6.30
CA TRP C 28 -9.98 -37.84 7.52
C TRP C 28 -10.25 -39.30 7.75
N VAL C 29 -10.45 -40.04 6.63
CA VAL C 29 -10.66 -41.45 6.65
C VAL C 29 -9.38 -42.15 7.16
N CYS C 30 -8.24 -41.67 6.66
CA CYS C 30 -6.96 -42.27 7.15
C CYS C 30 -6.77 -41.97 8.62
N ALA C 31 -7.05 -40.74 9.08
CA ALA C 31 -6.97 -40.31 10.45
C ALA C 31 -7.77 -41.22 11.37
N ALA C 32 -9.07 -41.44 10.99
CA ALA C 32 -9.90 -42.36 11.80
C ALA C 32 -9.28 -43.74 11.88
N LYS C 33 -8.80 -44.20 10.70
CA LYS C 33 -8.15 -45.53 10.71
C LYS C 33 -7.00 -45.56 11.74
N PHE C 34 -6.06 -44.65 11.67
CA PHE C 34 -4.93 -44.77 12.64
C PHE C 34 -5.26 -44.24 14.02
N GLU C 35 -6.21 -43.29 14.16
CA GLU C 35 -6.48 -42.81 15.54
C GLU C 35 -7.22 -43.85 16.35
N SER C 36 -8.31 -44.42 15.82
CA SER C 36 -9.10 -45.40 16.51
C SER C 36 -9.35 -46.71 15.86
N ASN C 37 -8.74 -47.04 14.69
CA ASN C 37 -9.03 -48.27 14.01
C ASN C 37 -10.54 -48.33 13.62
N PHE C 38 -11.16 -47.19 13.32
CA PHE C 38 -12.51 -46.98 12.92
C PHE C 38 -13.48 -47.36 14.00
N ASN C 39 -13.07 -47.39 15.29
CA ASN C 39 -13.96 -47.88 16.36
C ASN C 39 -14.54 -46.68 17.12
N THR C 40 -15.84 -46.48 17.05
CA THR C 40 -16.48 -45.31 17.65
C THR C 40 -16.39 -45.28 19.19
N HIS C 41 -16.12 -46.43 19.78
CA HIS C 41 -16.00 -46.53 21.25
C HIS C 41 -14.54 -46.41 21.68
N ALA C 42 -13.58 -46.06 20.81
CA ALA C 42 -12.18 -46.08 21.29
C ALA C 42 -11.87 -44.99 22.31
N THR C 43 -11.12 -45.29 23.37
CA THR C 43 -10.74 -44.23 24.35
C THR C 43 -9.24 -44.31 24.60
N ASN C 44 -8.49 -43.29 24.94
CA ASN C 44 -7.04 -43.39 25.15
C ASN C 44 -6.67 -42.37 26.27
N ARG C 45 -6.16 -42.86 27.35
CA ARG C 45 -5.86 -41.92 28.49
C ARG C 45 -4.47 -41.31 28.27
N ASN C 46 -4.30 -40.05 28.56
CA ASN C 46 -3.07 -39.30 28.44
C ASN C 46 -2.43 -39.02 29.80
N THR C 47 -1.12 -38.62 29.75
CA THR C 47 -0.43 -38.39 31.03
C THR C 47 -0.87 -37.10 31.69
N ASP C 48 -1.51 -36.15 31.01
CA ASP C 48 -1.98 -34.91 31.54
C ASP C 48 -3.38 -35.05 32.13
N GLY C 49 -3.90 -36.26 32.28
CA GLY C 49 -5.16 -36.61 32.78
C GLY C 49 -6.30 -36.55 31.76
N SER C 50 -6.03 -36.08 30.53
CA SER C 50 -7.03 -36.00 29.52
C SER C 50 -7.18 -37.41 28.88
N THR C 51 -8.30 -37.58 28.26
CA THR C 51 -8.61 -38.82 27.54
C THR C 51 -8.96 -38.44 26.11
N ASP C 52 -8.66 -39.20 25.12
CA ASP C 52 -9.06 -39.01 23.71
C ASP C 52 -10.29 -39.96 23.38
N TYR C 53 -11.35 -39.45 22.87
CA TYR C 53 -12.58 -40.11 22.65
C TYR C 53 -13.00 -40.33 21.18
N GLY C 54 -13.59 -41.49 20.89
CA GLY C 54 -14.22 -41.79 19.65
C GLY C 54 -13.47 -42.06 18.40
N ILE C 55 -14.12 -42.06 17.21
CA ILE C 55 -13.53 -42.39 15.96
C ILE C 55 -12.40 -41.34 15.62
N LEU C 56 -12.48 -40.13 16.05
CA LEU C 56 -11.37 -39.20 15.79
C LEU C 56 -10.57 -38.78 17.00
N GLN C 57 -10.71 -39.56 18.07
CA GLN C 57 -9.91 -39.38 19.30
C GLN C 57 -9.79 -37.90 19.70
N ILE C 58 -10.88 -37.28 19.95
CA ILE C 58 -11.01 -35.86 20.31
C ILE C 58 -10.64 -35.69 21.78
N ASN C 59 -9.73 -34.79 22.07
CA ASN C 59 -9.11 -34.70 23.40
C ASN C 59 -9.98 -34.01 24.42
N SER C 60 -9.95 -34.55 25.68
CA SER C 60 -10.83 -34.04 26.71
C SER C 60 -10.33 -32.78 27.39
N ARG C 61 -9.13 -32.36 27.10
CA ARG C 61 -8.59 -31.14 27.75
C ARG C 61 -9.19 -29.92 27.08
N TRP C 62 -9.14 -29.86 25.73
CA TRP C 62 -9.72 -28.70 25.09
C TRP C 62 -11.08 -28.85 24.47
N TRP C 63 -11.54 -29.99 24.05
CA TRP C 63 -12.73 -30.12 23.26
C TRP C 63 -14.00 -30.60 23.85
N CYS C 64 -13.99 -31.47 24.83
CA CYS C 64 -15.30 -31.91 25.38
C CYS C 64 -15.13 -32.06 26.87
N ASN C 65 -16.22 -32.19 27.59
CA ASN C 65 -16.15 -32.29 29.05
C ASN C 65 -16.30 -33.67 29.51
N ASP C 66 -15.34 -34.23 30.26
CA ASP C 66 -15.49 -35.51 30.88
C ASP C 66 -15.53 -35.42 32.39
N GLY C 67 -15.40 -34.22 33.02
CA GLY C 67 -15.42 -34.00 34.39
C GLY C 67 -14.21 -34.54 35.18
N ARG C 68 -13.23 -35.13 34.47
CA ARG C 68 -12.02 -35.57 35.15
C ARG C 68 -10.76 -35.06 34.51
N THR C 69 -10.80 -34.01 33.73
CA THR C 69 -9.59 -33.46 33.07
C THR C 69 -9.28 -32.09 33.66
N PRO C 70 -8.20 -31.90 34.39
CA PRO C 70 -7.97 -30.73 35.21
C PRO C 70 -8.10 -29.33 34.75
N GLY C 71 -7.71 -28.91 33.58
CA GLY C 71 -7.85 -27.48 33.20
C GLY C 71 -8.59 -27.48 31.85
N SER C 72 -9.67 -28.21 31.80
CA SER C 72 -10.47 -28.39 30.63
C SER C 72 -11.21 -27.15 30.21
N LYS C 73 -11.27 -27.01 28.89
CA LYS C 73 -11.93 -25.98 28.12
C LYS C 73 -12.93 -26.86 27.36
N ASN C 74 -14.10 -26.39 27.11
CA ASN C 74 -15.00 -27.49 26.38
C ASN C 74 -15.39 -26.75 25.15
N LEU C 75 -14.38 -26.45 24.30
CA LEU C 75 -14.65 -25.66 23.05
C LEU C 75 -15.83 -26.20 22.32
N CYS C 76 -15.93 -27.51 22.11
CA CYS C 76 -17.12 -28.09 21.42
C CYS C 76 -18.41 -28.07 22.14
N ASN C 77 -18.43 -27.74 23.45
CA ASN C 77 -19.57 -27.61 24.30
C ASN C 77 -20.39 -28.86 24.41
N ILE C 78 -19.74 -29.99 24.66
CA ILE C 78 -20.41 -31.28 24.72
C ILE C 78 -19.72 -32.20 25.72
N PRO C 79 -20.44 -33.14 26.29
CA PRO C 79 -19.86 -34.20 27.06
C PRO C 79 -19.13 -35.14 26.12
N CYS C 80 -17.96 -35.64 26.53
CA CYS C 80 -17.20 -36.57 25.78
C CYS C 80 -18.03 -37.82 25.50
N SER C 81 -18.94 -38.23 26.37
CA SER C 81 -19.82 -39.37 26.06
C SER C 81 -20.44 -39.16 24.68
N ALA C 82 -20.83 -38.00 24.22
CA ALA C 82 -21.37 -37.77 22.91
C ALA C 82 -20.41 -38.00 21.75
N LEU C 83 -19.13 -38.23 21.99
CA LEU C 83 -18.19 -38.51 20.94
C LEU C 83 -18.04 -40.01 20.77
N LEU C 84 -18.73 -40.81 21.55
CA LEU C 84 -18.60 -42.25 21.51
C LEU C 84 -19.75 -42.95 20.76
N SER C 85 -20.62 -42.16 20.13
CA SER C 85 -21.78 -42.60 19.45
C SER C 85 -21.53 -43.20 18.08
N SER C 86 -22.45 -44.04 17.60
CA SER C 86 -22.40 -44.64 16.29
C SER C 86 -22.58 -43.49 15.27
N ASP C 87 -23.34 -42.50 15.66
CA ASP C 87 -23.60 -41.30 14.95
C ASP C 87 -22.34 -40.40 15.19
N ILE C 88 -21.60 -40.22 14.11
CA ILE C 88 -20.40 -39.38 14.15
C ILE C 88 -20.63 -37.93 13.95
N THR C 89 -21.91 -37.46 13.90
CA THR C 89 -22.17 -36.06 13.67
C THR C 89 -21.38 -35.14 14.64
N ALA C 90 -21.51 -35.43 15.92
CA ALA C 90 -20.86 -34.51 16.90
C ALA C 90 -19.35 -34.56 16.75
N SER C 91 -18.76 -35.76 16.50
CA SER C 91 -17.27 -35.80 16.39
C SER C 91 -16.81 -35.05 15.16
N VAL C 92 -17.55 -35.16 14.08
CA VAL C 92 -17.09 -34.45 12.81
C VAL C 92 -17.21 -32.96 13.00
N ASN C 93 -18.33 -32.52 13.60
CA ASN C 93 -18.49 -31.08 13.85
C ASN C 93 -17.44 -30.61 14.85
N CYS C 94 -17.02 -31.40 15.82
CA CYS C 94 -15.93 -30.89 16.71
C CYS C 94 -14.62 -30.94 16.00
N ALA C 95 -14.33 -32.02 15.23
CA ALA C 95 -13.11 -32.15 14.43
C ALA C 95 -12.88 -30.96 13.49
N LYS C 96 -13.93 -30.38 12.88
CA LYS C 96 -13.83 -29.22 12.06
C LYS C 96 -13.16 -28.06 12.84
N LYS C 97 -13.62 -27.94 14.12
CA LYS C 97 -13.05 -26.84 14.93
C LYS C 97 -11.57 -27.08 15.18
N ILE C 98 -11.26 -28.29 15.62
CA ILE C 98 -9.88 -28.74 15.87
C ILE C 98 -9.07 -28.38 14.66
N ALA C 99 -9.58 -28.67 13.42
CA ALA C 99 -8.70 -28.37 12.27
C ALA C 99 -8.57 -26.93 11.87
N SER C 100 -9.30 -25.97 12.37
CA SER C 100 -9.31 -24.60 12.01
C SER C 100 -8.52 -23.66 12.90
N GLY C 101 -7.67 -24.17 13.78
CA GLY C 101 -6.93 -23.28 14.70
C GLY C 101 -5.76 -22.58 14.08
N GLY C 102 -5.30 -22.92 12.84
CA GLY C 102 -4.16 -22.25 12.26
C GLY C 102 -3.03 -23.26 12.01
N ASN C 103 -3.21 -24.46 12.50
CA ASN C 103 -2.22 -25.52 12.36
C ASN C 103 -2.69 -26.77 11.60
N GLY C 104 -3.81 -26.71 10.85
CA GLY C 104 -4.23 -27.89 10.10
C GLY C 104 -4.58 -29.09 10.95
N MET C 105 -4.28 -30.29 10.43
CA MET C 105 -4.63 -31.54 11.11
C MET C 105 -3.50 -32.02 12.03
N ASN C 106 -2.43 -31.22 12.23
CA ASN C 106 -1.33 -31.66 13.05
C ASN C 106 -1.59 -32.09 14.47
N ALA C 107 -2.64 -31.69 15.12
CA ALA C 107 -2.96 -32.22 16.46
C ALA C 107 -3.30 -33.68 16.50
N TRP C 108 -3.77 -34.32 15.42
CA TRP C 108 -3.98 -35.73 15.33
C TRP C 108 -2.63 -36.40 15.08
N VAL C 109 -1.89 -36.76 16.11
CA VAL C 109 -0.59 -37.35 16.00
C VAL C 109 -0.52 -38.60 15.15
N ALA C 110 -1.49 -39.52 15.30
CA ALA C 110 -1.44 -40.72 14.44
C ALA C 110 -1.63 -40.35 13.00
N TRP C 111 -2.42 -39.36 12.62
CA TRP C 111 -2.58 -38.87 11.28
C TRP C 111 -1.22 -38.41 10.72
N ARG C 112 -0.58 -37.60 11.57
CA ARG C 112 0.75 -37.05 11.30
C ARG C 112 1.79 -38.13 11.02
N ASN C 113 1.81 -39.17 11.83
CA ASN C 113 2.76 -40.26 11.66
C ASN C 113 2.40 -41.26 10.59
N ARG C 114 1.10 -41.52 10.36
CA ARG C 114 0.72 -42.56 9.41
C ARG C 114 0.08 -42.08 8.13
N CYS C 115 -0.60 -40.94 8.13
CA CYS C 115 -1.31 -40.48 6.93
C CYS C 115 -0.69 -39.35 6.18
N LYS C 116 -0.25 -38.33 6.92
CA LYS C 116 0.30 -37.15 6.24
C LYS C 116 1.34 -37.37 5.18
N GLY C 117 1.18 -36.79 4.01
CA GLY C 117 2.09 -36.85 2.88
C GLY C 117 1.99 -38.09 2.01
N THR C 118 1.32 -39.09 2.51
CA THR C 118 1.07 -40.38 1.92
C THR C 118 -0.02 -40.31 0.90
N ASP C 119 -0.28 -41.33 0.12
CA ASP C 119 -1.38 -41.33 -0.86
C ASP C 119 -2.68 -41.68 -0.16
N VAL C 120 -3.23 -40.68 0.57
CA VAL C 120 -4.41 -40.78 1.33
C VAL C 120 -5.66 -40.97 0.46
N HIS C 121 -5.60 -40.67 -0.82
CA HIS C 121 -6.73 -40.90 -1.77
C HIS C 121 -7.05 -42.35 -1.94
N ALA C 122 -6.07 -43.24 -1.67
CA ALA C 122 -6.30 -44.67 -1.68
C ALA C 122 -7.35 -45.10 -0.69
N TRP C 123 -7.45 -44.42 0.49
CA TRP C 123 -8.44 -44.81 1.48
C TRP C 123 -9.90 -44.70 1.04
N ILE C 124 -10.25 -44.05 -0.01
CA ILE C 124 -11.55 -43.86 -0.57
C ILE C 124 -11.74 -44.48 -1.96
N ARG C 125 -10.76 -45.18 -2.47
CA ARG C 125 -10.94 -45.80 -3.82
C ARG C 125 -11.89 -46.97 -3.62
N GLY C 126 -12.79 -47.23 -4.54
CA GLY C 126 -13.76 -48.27 -4.52
C GLY C 126 -15.01 -48.00 -3.70
N CYS C 127 -15.22 -46.72 -3.35
CA CYS C 127 -16.33 -46.32 -2.51
C CYS C 127 -17.33 -45.53 -3.32
N ARG C 128 -18.61 -45.70 -3.09
CA ARG C 128 -19.61 -44.93 -3.85
C ARG C 128 -19.46 -43.46 -3.62
N LEU C 129 -19.85 -42.76 -2.59
CA LEU C 129 -19.63 -41.31 -2.53
C LEU C 129 -20.28 -40.55 -3.68
N LYS D 1 20.18 49.23 -13.60
CA LYS D 1 19.82 48.92 -15.02
C LYS D 1 20.72 47.87 -15.66
N VAL D 2 22.02 48.01 -15.57
CA VAL D 2 22.99 47.04 -16.07
C VAL D 2 23.74 46.55 -14.79
N TYR D 3 23.00 45.72 -14.03
CA TYR D 3 23.52 45.18 -12.80
C TYR D 3 24.91 44.59 -13.00
N GLY D 4 25.67 44.56 -11.92
CA GLY D 4 27.01 43.88 -12.01
C GLY D 4 26.62 42.41 -11.70
N ARG D 5 27.57 41.49 -11.76
CA ARG D 5 27.21 40.10 -11.51
C ARG D 5 26.95 39.79 -10.05
N CYS D 6 27.70 40.39 -9.13
CA CYS D 6 27.50 40.07 -7.71
C CYS D 6 26.33 40.75 -7.06
N GLU D 7 26.05 41.98 -7.50
CA GLU D 7 24.93 42.80 -7.03
C GLU D 7 23.59 42.19 -7.43
N LEU D 8 23.57 41.49 -8.58
CA LEU D 8 22.35 40.80 -9.00
C LEU D 8 22.28 39.47 -8.24
N ALA D 9 23.42 38.87 -7.91
CA ALA D 9 23.44 37.62 -7.18
C ALA D 9 22.74 37.72 -5.85
N ALA D 10 23.18 38.67 -5.01
CA ALA D 10 22.55 38.85 -3.68
C ALA D 10 21.19 39.48 -3.81
N ALA D 11 20.85 40.15 -4.90
CA ALA D 11 19.50 40.62 -5.19
C ALA D 11 18.58 39.42 -5.34
N MET D 12 18.95 38.45 -6.17
CA MET D 12 18.27 37.20 -6.40
C MET D 12 18.29 36.27 -5.19
N LYS D 13 19.45 36.27 -4.52
CA LYS D 13 19.56 35.58 -3.19
C LYS D 13 18.74 36.51 -2.29
N ARG D 14 18.38 36.35 -1.03
CA ARG D 14 17.50 37.39 -0.42
C ARG D 14 16.16 36.95 -1.01
N LEU D 15 15.63 37.50 -2.05
CA LEU D 15 14.43 37.09 -2.70
C LEU D 15 14.02 35.65 -2.75
N GLY D 16 14.82 34.61 -2.51
CA GLY D 16 14.44 33.27 -2.51
C GLY D 16 14.65 32.40 -3.72
N LEU D 17 15.45 32.81 -4.72
CA LEU D 17 15.73 31.95 -5.87
C LEU D 17 16.82 30.94 -5.56
N ASP D 18 17.52 31.05 -4.44
CA ASP D 18 18.52 30.06 -4.10
C ASP D 18 17.97 28.67 -3.83
N ASN D 19 18.10 27.77 -4.79
CA ASN D 19 17.67 26.36 -4.60
C ASN D 19 16.17 26.18 -4.75
N TYR D 20 15.52 27.22 -5.28
CA TYR D 20 14.09 27.27 -5.59
C TYR D 20 13.88 26.27 -6.73
N ARG D 21 12.98 25.32 -6.53
CA ARG D 21 12.71 24.27 -7.49
C ARG D 21 13.92 23.38 -7.66
N GLY D 22 14.78 23.27 -6.65
CA GLY D 22 16.03 22.54 -6.80
C GLY D 22 17.19 23.08 -7.63
N TYR D 23 17.13 24.28 -8.19
CA TYR D 23 18.16 24.93 -8.93
C TYR D 23 18.98 25.85 -7.98
N SER D 24 20.26 25.66 -7.91
CA SER D 24 21.17 26.52 -7.10
C SER D 24 21.24 27.91 -7.64
N LEU D 25 21.56 28.95 -6.84
CA LEU D 25 21.61 30.33 -7.28
C LEU D 25 22.41 30.62 -8.50
N GLY D 26 23.47 29.89 -8.79
CA GLY D 26 24.27 30.11 -10.03
C GLY D 26 23.43 30.08 -11.28
N ASN D 27 22.42 29.19 -11.30
CA ASN D 27 21.56 29.06 -12.47
C ASN D 27 20.80 30.31 -12.79
N TRP D 28 20.30 30.95 -11.75
CA TRP D 28 19.52 32.18 -11.86
C TRP D 28 20.43 33.32 -12.28
N VAL D 29 21.67 33.40 -11.73
CA VAL D 29 22.52 34.53 -12.22
C VAL D 29 22.92 34.27 -13.67
N CYS D 30 23.48 33.10 -13.91
CA CYS D 30 23.80 32.68 -15.29
C CYS D 30 22.65 32.93 -16.19
N ALA D 31 21.39 32.45 -15.89
CA ALA D 31 20.31 32.79 -16.84
C ALA D 31 20.29 34.29 -17.12
N ALA D 32 20.42 35.11 -16.09
CA ALA D 32 20.37 36.57 -16.24
C ALA D 32 21.41 37.12 -17.20
N LYS D 33 22.62 36.57 -17.10
CA LYS D 33 23.71 36.96 -17.96
C LYS D 33 23.34 36.72 -19.42
N PHE D 34 22.82 35.54 -19.74
CA PHE D 34 22.55 35.20 -21.12
C PHE D 34 21.17 35.55 -21.62
N GLU D 35 20.17 35.71 -20.73
CA GLU D 35 18.86 36.09 -21.35
C GLU D 35 18.96 37.56 -21.74
N SER D 36 19.41 38.43 -20.83
CA SER D 36 19.48 39.84 -21.03
C SER D 36 20.82 40.56 -21.06
N ASN D 37 21.86 39.90 -20.58
CA ASN D 37 23.16 40.53 -20.43
C ASN D 37 23.02 41.54 -19.26
N PHE D 38 22.36 41.09 -18.21
CA PHE D 38 22.18 41.88 -17.01
C PHE D 38 21.37 43.16 -17.14
N ASN D 39 20.84 43.47 -18.31
CA ASN D 39 20.06 44.64 -18.58
C ASN D 39 18.56 44.47 -18.33
N THR D 40 18.09 45.14 -17.29
CA THR D 40 16.74 45.18 -16.83
C THR D 40 15.76 45.89 -17.75
N HIS D 41 16.32 46.65 -18.70
CA HIS D 41 15.55 47.33 -19.73
C HIS D 41 15.50 46.44 -20.98
N ALA D 42 16.20 45.30 -20.93
CA ALA D 42 16.27 44.46 -22.10
C ALA D 42 14.89 44.07 -22.62
N THR D 43 14.72 44.27 -23.92
CA THR D 43 13.48 43.89 -24.58
C THR D 43 13.91 43.02 -25.76
N ASN D 44 12.97 42.32 -26.35
CA ASN D 44 13.19 41.50 -27.54
C ASN D 44 11.78 41.21 -28.08
N ARG D 45 11.58 41.43 -29.35
CA ARG D 45 10.25 41.17 -29.95
C ARG D 45 10.32 39.99 -30.90
N ASN D 46 9.59 38.93 -30.57
CA ASN D 46 9.59 37.73 -31.41
C ASN D 46 8.53 37.90 -32.53
N THR D 47 8.01 36.81 -33.01
CA THR D 47 7.04 36.75 -34.09
C THR D 47 5.59 36.77 -33.67
N ASP D 48 5.24 36.03 -32.66
CA ASP D 48 4.01 35.86 -31.93
C ASP D 48 4.49 35.58 -30.47
N GLY D 49 5.83 35.62 -30.38
CA GLY D 49 6.52 35.60 -29.07
C GLY D 49 6.38 37.15 -28.79
N SER D 50 5.30 37.44 -28.12
CA SER D 50 4.88 38.77 -27.75
C SER D 50 5.99 39.79 -27.79
N THR D 51 6.63 39.94 -26.65
CA THR D 51 7.78 40.73 -26.33
C THR D 51 8.38 40.09 -25.05
N ASP D 52 9.69 39.95 -25.01
CA ASP D 52 10.29 39.38 -23.79
C ASP D 52 10.80 40.55 -22.95
N TYR D 53 10.41 40.62 -21.69
CA TYR D 53 10.83 41.76 -20.87
C TYR D 53 11.81 41.47 -19.76
N GLY D 54 12.54 42.53 -19.37
CA GLY D 54 13.43 42.48 -18.25
C GLY D 54 14.64 41.61 -18.36
N ILE D 55 15.32 41.46 -17.21
CA ILE D 55 16.51 40.71 -17.08
C ILE D 55 16.31 39.24 -17.42
N LEU D 56 15.13 38.70 -17.04
CA LEU D 56 14.99 37.24 -17.37
C LEU D 56 14.14 37.10 -18.59
N GLN D 57 14.05 38.14 -19.46
CA GLN D 57 13.26 38.10 -20.66
C GLN D 57 11.96 37.26 -20.53
N ILE D 58 11.14 37.69 -19.57
CA ILE D 58 9.86 37.06 -19.30
C ILE D 58 8.99 37.38 -20.48
N ASN D 59 8.24 36.43 -21.02
CA ASN D 59 7.40 36.61 -22.18
C ASN D 59 6.10 37.33 -21.83
N SER D 60 5.50 38.04 -22.79
CA SER D 60 4.30 38.82 -22.50
C SER D 60 3.03 38.08 -22.90
N ARG D 61 3.21 36.99 -23.67
CA ARG D 61 2.07 36.19 -24.11
C ARG D 61 1.46 35.49 -22.91
N TRP D 62 2.26 34.99 -21.97
CA TRP D 62 1.69 34.28 -20.83
C TRP D 62 1.81 34.96 -19.47
N TRP D 63 2.94 35.61 -19.25
CA TRP D 63 3.32 36.13 -17.95
C TRP D 63 3.01 37.55 -17.62
N CYS D 64 3.17 38.53 -18.50
CA CYS D 64 2.74 39.89 -18.11
C CYS D 64 1.74 40.49 -19.07
N ASN D 65 1.19 41.70 -18.73
CA ASN D 65 0.28 42.36 -19.64
C ASN D 65 0.91 43.64 -20.24
N ASP D 66 0.93 43.69 -21.59
CA ASP D 66 1.54 44.87 -22.24
C ASP D 66 0.60 45.55 -23.22
N GLY D 67 -0.57 44.96 -23.47
CA GLY D 67 -1.54 45.48 -24.39
C GLY D 67 -1.32 45.38 -25.87
N ARG D 68 -0.54 44.45 -26.38
CA ARG D 68 -0.33 44.29 -27.81
C ARG D 68 -0.21 42.80 -28.13
N THR D 69 -0.18 42.02 -27.01
CA THR D 69 0.00 40.58 -27.23
C THR D 69 -1.30 39.87 -27.46
N PRO D 70 -1.38 39.16 -28.60
CA PRO D 70 -2.55 38.48 -29.04
C PRO D 70 -3.25 37.57 -28.06
N GLY D 71 -2.68 36.47 -27.61
CA GLY D 71 -3.42 35.56 -26.73
C GLY D 71 -3.01 35.69 -25.28
N SER D 72 -2.49 36.88 -24.93
CA SER D 72 -2.01 37.16 -23.62
C SER D 72 -2.97 36.64 -22.52
N LYS D 73 -2.26 35.83 -21.74
CA LYS D 73 -2.64 35.37 -20.42
C LYS D 73 -1.83 36.51 -19.69
N ASN D 74 -1.75 36.49 -18.44
CA ASN D 74 -0.98 37.46 -17.66
C ASN D 74 -1.05 36.76 -16.29
N LEU D 75 -0.27 35.66 -16.29
CA LEU D 75 -0.32 34.77 -15.10
C LEU D 75 0.31 35.42 -13.88
N CYS D 76 1.20 36.38 -14.07
CA CYS D 76 1.88 37.03 -12.99
C CYS D 76 1.09 38.24 -12.49
N ASN D 77 0.03 38.60 -13.21
CA ASN D 77 -0.86 39.70 -12.86
C ASN D 77 -0.07 41.00 -12.63
N ILE D 78 0.66 41.36 -13.71
CA ILE D 78 1.45 42.57 -13.73
C ILE D 78 1.67 43.11 -15.15
N PRO D 79 1.64 44.44 -15.22
CA PRO D 79 1.89 45.11 -16.52
C PRO D 79 3.30 44.72 -16.90
N CYS D 80 3.58 44.47 -18.16
CA CYS D 80 4.95 44.05 -18.54
C CYS D 80 6.02 45.04 -18.16
N SER D 81 5.69 46.33 -18.07
CA SER D 81 6.63 47.38 -17.74
C SER D 81 7.16 47.28 -16.34
N ALA D 82 6.53 46.51 -15.46
CA ALA D 82 6.97 46.27 -14.09
C ALA D 82 8.25 45.43 -14.05
N LEU D 83 8.46 44.62 -15.08
CA LEU D 83 9.62 43.78 -15.26
C LEU D 83 10.87 44.57 -15.66
N LEU D 84 10.65 45.70 -16.36
CA LEU D 84 11.70 46.58 -16.82
C LEU D 84 12.27 47.49 -15.71
N SER D 85 11.70 47.41 -14.52
CA SER D 85 12.07 48.17 -13.37
C SER D 85 13.51 47.90 -12.96
N SER D 86 14.02 48.66 -12.00
CA SER D 86 15.39 48.47 -11.48
C SER D 86 15.22 47.61 -10.20
N ASP D 87 13.94 47.63 -9.81
CA ASP D 87 13.54 46.74 -8.70
C ASP D 87 13.20 45.43 -9.47
N ILE D 88 13.84 44.41 -9.01
CA ILE D 88 13.90 43.04 -9.42
C ILE D 88 12.80 42.10 -9.02
N THR D 89 12.05 42.45 -7.98
CA THR D 89 11.00 41.63 -7.38
C THR D 89 9.92 41.23 -8.35
N ALA D 90 9.47 42.09 -9.25
CA ALA D 90 8.44 41.64 -10.21
C ALA D 90 9.05 40.43 -10.94
N SER D 91 10.03 40.67 -11.78
CA SER D 91 10.77 39.65 -12.49
C SER D 91 11.14 38.38 -11.75
N VAL D 92 11.60 38.35 -10.53
CA VAL D 92 11.97 37.20 -9.76
C VAL D 92 10.75 36.34 -9.35
N ASN D 93 9.77 37.09 -8.80
CA ASN D 93 8.56 36.44 -8.36
C ASN D 93 7.79 35.85 -9.54
N CYS D 94 7.88 36.47 -10.70
CA CYS D 94 7.20 35.94 -11.89
C CYS D 94 7.99 34.70 -12.34
N ALA D 95 9.28 34.74 -12.31
CA ALA D 95 10.22 33.70 -12.69
C ALA D 95 9.96 32.42 -11.91
N LYS D 96 9.55 32.55 -10.66
CA LYS D 96 9.21 31.47 -9.77
C LYS D 96 8.03 30.68 -10.31
N LYS D 97 7.02 31.40 -10.81
CA LYS D 97 5.87 30.77 -11.43
C LYS D 97 6.28 29.98 -12.65
N ILE D 98 7.05 30.65 -13.52
CA ILE D 98 7.57 30.11 -14.74
C ILE D 98 8.30 28.78 -14.49
N ALA D 99 9.14 28.77 -13.48
CA ALA D 99 9.90 27.57 -13.16
C ALA D 99 9.14 26.49 -12.38
N SER D 100 7.86 26.68 -12.13
CA SER D 100 7.15 25.72 -11.26
C SER D 100 6.09 24.97 -12.10
N GLY D 101 6.15 25.05 -13.39
CA GLY D 101 5.19 24.42 -14.28
C GLY D 101 5.30 22.91 -14.31
N GLY D 102 6.49 22.43 -13.85
CA GLY D 102 6.74 21.00 -13.81
C GLY D 102 7.83 20.62 -14.79
N ASN D 103 8.56 21.58 -15.38
CA ASN D 103 9.60 21.42 -16.39
C ASN D 103 10.90 22.16 -16.05
N GLY D 104 10.97 22.51 -14.71
CA GLY D 104 12.21 23.20 -14.23
C GLY D 104 12.44 24.45 -15.04
N MET D 105 13.65 24.91 -15.26
CA MET D 105 14.01 26.13 -15.95
C MET D 105 14.18 26.02 -17.45
N ASN D 106 13.67 24.99 -18.13
CA ASN D 106 13.91 24.85 -19.59
C ASN D 106 13.32 25.85 -20.49
N ALA D 107 12.35 26.66 -20.09
CA ALA D 107 11.81 27.67 -21.00
C ALA D 107 12.84 28.76 -21.23
N TRP D 108 13.83 28.95 -20.39
CA TRP D 108 14.88 29.99 -20.59
C TRP D 108 15.87 29.35 -21.55
N VAL D 109 15.64 29.68 -22.84
CA VAL D 109 16.41 29.06 -23.90
C VAL D 109 17.88 29.38 -23.76
N ALA D 110 18.17 30.61 -23.31
CA ALA D 110 19.56 31.04 -23.15
C ALA D 110 20.23 30.33 -21.97
N TRP D 111 19.41 30.05 -20.95
CA TRP D 111 19.90 29.30 -19.79
C TRP D 111 20.19 27.88 -20.25
N ARG D 112 19.31 27.30 -21.05
CA ARG D 112 19.48 25.95 -21.55
C ARG D 112 20.76 25.78 -22.38
N ASN D 113 20.98 26.69 -23.31
CA ASN D 113 22.14 26.61 -24.20
C ASN D 113 23.47 27.02 -23.59
N ARG D 114 23.55 27.93 -22.63
CA ARG D 114 24.87 28.29 -22.10
C ARG D 114 25.05 28.08 -20.61
N CYS D 115 24.08 27.69 -19.84
CA CYS D 115 24.24 27.47 -18.41
C CYS D 115 23.99 26.03 -17.95
N LYS D 116 22.82 25.48 -18.35
CA LYS D 116 22.45 24.14 -17.98
C LYS D 116 23.60 23.15 -18.06
N GLY D 117 23.88 22.47 -16.94
CA GLY D 117 24.93 21.48 -16.86
C GLY D 117 26.39 21.87 -16.82
N THR D 118 26.67 23.16 -16.90
CA THR D 118 28.05 23.67 -16.81
C THR D 118 28.23 23.94 -15.30
N ASP D 119 29.38 24.46 -14.91
CA ASP D 119 29.51 24.74 -13.46
C ASP D 119 28.86 26.08 -13.16
N VAL D 120 27.61 26.10 -12.76
CA VAL D 120 26.91 27.35 -12.48
C VAL D 120 27.36 27.97 -11.17
N HIS D 121 28.13 27.26 -10.35
CA HIS D 121 28.71 27.78 -9.15
C HIS D 121 29.70 28.89 -9.49
N ALA D 122 30.46 28.72 -10.59
CA ALA D 122 31.40 29.76 -10.99
C ALA D 122 30.78 31.14 -10.98
N TRP D 123 29.52 31.34 -11.33
CA TRP D 123 28.85 32.60 -11.33
C TRP D 123 28.65 33.33 -10.03
N ILE D 124 28.82 32.72 -8.88
CA ILE D 124 28.65 33.40 -7.60
C ILE D 124 29.93 33.52 -6.81
N ARG D 125 30.95 32.71 -7.14
CA ARG D 125 32.23 32.72 -6.46
C ARG D 125 32.88 34.10 -6.57
N GLY D 126 33.04 34.69 -5.38
CA GLY D 126 33.63 36.03 -5.29
C GLY D 126 32.66 36.91 -4.50
N CYS D 127 31.39 36.89 -4.91
CA CYS D 127 30.39 37.70 -4.23
C CYS D 127 30.45 37.56 -2.72
N ARG D 128 30.08 38.67 -2.05
CA ARG D 128 30.03 38.69 -0.59
C ARG D 128 29.01 37.62 -0.17
N LEU D 129 27.81 37.75 -0.78
CA LEU D 129 26.75 36.77 -0.49
C LEU D 129 26.47 36.77 1.02
#